data_2F8V
#
_entry.id   2F8V
#
_cell.length_a   112.513
_cell.length_b   46.885
_cell.length_c   128.033
_cell.angle_alpha   90.00
_cell.angle_beta   98.30
_cell.angle_gamma   90.00
#
_symmetry.space_group_name_H-M   'P 1 21 1'
#
loop_
_entity.id
_entity.type
_entity.pdbx_description
1 polymer 'N2B-Titin Isoform'
2 polymer Telethonin
3 non-polymer 'SULFATE ION'
4 water water
#
loop_
_entity_poly.entity_id
_entity_poly.type
_entity_poly.pdbx_seq_one_letter_code
_entity_poly.pdbx_strand_id
1 'polypeptide(L)'
;MTTQAPTFTQPLQSVVVLEGSTATFEAHISGFPVPEVSWFRDGQVISTSTLPGVQISFSDGRAKLTIPAVTKANSGRYSL
KATNGSGQATSTAELLVKAETAPPNFVQRLQSMTVRQGSQVRLQVRVTGIPTPVVKFYRDGAEIQSSLDFQISQEGDLYS
LLIAEAYPEDSGTYSVNATNSVGRATSTAELLVQGETREEF
;
A,B,C,D
2 'polypeptide(L)'
;MATSELSSEVSEENSERREAFWAEWKDLTLSTRPEEGSSLHEEDTQRHETYHQQGQSQVLVQRSPWLMMRMGILGRGLQE
YQLPYQRVLPLPIFTPAKMGATKEEREDTPIQLQELLALETALGGQSVDRQEVAEITKQLPPVVPVSKPGALRRSLSRSM
SQEAQRG
;
T,Y
#
loop_
_chem_comp.id
_chem_comp.type
_chem_comp.name
_chem_comp.formula
SO4 non-polymer 'SULFATE ION' 'O4 S -2'
#
# COMPACT_ATOMS: atom_id res chain seq x y z
N THR A 2 -0.36 -4.39 63.24
CA THR A 2 -0.08 -5.58 62.38
C THR A 2 1.00 -5.33 61.32
N THR A 3 2.22 -5.78 61.61
CA THR A 3 3.26 -5.88 60.60
C THR A 3 2.79 -7.07 59.83
N GLN A 4 2.91 -7.06 58.51
CA GLN A 4 2.44 -8.18 57.69
C GLN A 4 3.51 -8.67 56.72
N ALA A 5 3.94 -9.92 56.90
CA ALA A 5 4.91 -10.53 55.99
C ALA A 5 4.49 -10.36 54.56
N PRO A 6 5.46 -10.29 53.64
CA PRO A 6 5.17 -10.08 52.22
C PRO A 6 4.41 -11.26 51.66
N THR A 7 3.49 -11.02 50.74
CA THR A 7 2.72 -12.10 50.13
C THR A 7 2.25 -11.64 48.75
N PHE A 8 2.00 -12.57 47.86
CA PHE A 8 1.60 -12.22 46.49
C PHE A 8 0.10 -12.36 46.35
N THR A 9 -0.54 -11.38 45.72
CA THR A 9 -1.97 -11.50 45.44
C THR A 9 -2.10 -11.88 43.99
N GLN A 10 -1.00 -11.66 43.27
CA GLN A 10 -0.84 -12.06 41.87
C GLN A 10 0.63 -12.25 41.63
N PRO A 11 1.04 -13.50 41.50
CA PRO A 11 2.43 -13.84 41.25
C PRO A 11 2.79 -13.67 39.80
N LEU A 12 4.08 -13.82 39.51
CA LEU A 12 4.57 -13.90 38.16
C LEU A 12 3.87 -15.05 37.49
N GLN A 13 3.79 -14.99 36.17
CA GLN A 13 3.15 -16.03 35.37
C GLN A 13 4.07 -16.13 34.16
N SER A 14 4.15 -17.30 33.55
CA SER A 14 5.03 -17.49 32.40
C SER A 14 4.78 -16.47 31.33
N VAL A 15 5.74 -16.29 30.43
CA VAL A 15 5.59 -15.34 29.34
C VAL A 15 6.20 -15.90 28.09
N VAL A 16 5.42 -16.04 27.01
CA VAL A 16 6.01 -16.41 25.72
C VAL A 16 5.95 -15.19 24.80
N VAL A 17 6.99 -14.97 24.01
CA VAL A 17 6.97 -13.81 23.14
C VAL A 17 7.96 -13.86 21.97
N LEU A 18 7.64 -13.13 20.91
CA LEU A 18 8.39 -13.19 19.67
C LEU A 18 9.72 -12.50 19.75
N GLU A 19 10.73 -13.20 19.27
CA GLU A 19 12.06 -12.64 19.16
C GLU A 19 11.93 -11.19 18.71
N GLY A 20 12.56 -10.28 19.44
CA GLY A 20 12.51 -8.85 19.09
C GLY A 20 11.41 -8.01 19.70
N SER A 21 10.42 -8.64 20.32
CA SER A 21 9.37 -7.87 20.98
C SER A 21 9.71 -7.48 22.41
N THR A 22 8.76 -6.88 23.09
CA THR A 22 8.90 -6.59 24.50
C THR A 22 8.28 -7.69 25.36
N ALA A 23 9.03 -8.17 26.34
CA ALA A 23 8.49 -9.13 27.31
C ALA A 23 8.27 -8.37 28.60
N THR A 24 7.32 -8.80 29.42
CA THR A 24 6.95 -8.08 30.63
C THR A 24 6.52 -8.98 31.76
N PHE A 25 7.26 -9.01 32.87
CA PHE A 25 6.76 -9.73 34.03
C PHE A 25 6.12 -8.71 34.94
N GLU A 26 5.04 -9.10 35.61
CA GLU A 26 4.30 -8.19 36.47
C GLU A 26 3.74 -8.98 37.63
N ALA A 27 3.72 -8.39 38.81
CA ALA A 27 3.18 -9.06 39.98
C ALA A 27 2.70 -8.01 40.96
N HIS A 28 1.72 -8.38 41.78
CA HIS A 28 1.25 -7.50 42.83
C HIS A 28 1.68 -8.05 44.17
N ILE A 29 2.26 -7.20 44.99
CA ILE A 29 2.72 -7.66 46.28
C ILE A 29 2.07 -6.83 47.36
N SER A 30 1.65 -7.48 48.44
CA SER A 30 1.15 -6.77 49.60
C SER A 30 2.04 -7.07 50.80
N GLY A 31 2.09 -6.13 51.73
CA GLY A 31 2.96 -6.26 52.88
C GLY A 31 3.07 -4.95 53.61
N PHE A 32 3.76 -4.97 54.75
CA PHE A 32 3.88 -3.82 55.64
C PHE A 32 4.82 -4.23 56.77
N PRO A 33 5.95 -3.55 56.90
CA PRO A 33 6.29 -2.41 56.04
C PRO A 33 6.58 -2.92 54.63
N VAL A 34 6.52 -2.04 53.63
CA VAL A 34 6.74 -2.42 52.25
C VAL A 34 8.09 -3.08 52.07
N PRO A 35 8.05 -4.25 51.47
CA PRO A 35 9.24 -5.05 51.16
C PRO A 35 10.29 -4.39 50.27
N GLU A 36 11.49 -4.94 50.37
CA GLU A 36 12.60 -4.59 49.51
C GLU A 36 12.50 -5.64 48.40
N VAL A 37 12.27 -5.21 47.18
CA VAL A 37 12.14 -6.18 46.10
C VAL A 37 13.38 -6.27 45.24
N SER A 38 13.66 -7.46 44.74
CA SER A 38 14.78 -7.62 43.84
C SER A 38 14.52 -8.77 42.83
N TRP A 39 15.02 -8.62 41.62
CA TRP A 39 14.72 -9.57 40.59
C TRP A 39 15.92 -10.44 40.26
N PHE A 40 15.69 -11.69 39.88
CA PHE A 40 16.82 -12.54 39.46
C PHE A 40 16.56 -13.24 38.13
N ARG A 41 17.65 -13.61 37.46
CA ARG A 41 17.53 -14.48 36.32
C ARG A 41 18.47 -15.65 36.51
N ASP A 42 18.00 -16.85 36.16
CA ASP A 42 18.77 -18.08 36.36
C ASP A 42 19.59 -18.07 37.63
N GLY A 43 19.04 -17.56 38.73
CA GLY A 43 19.79 -17.50 39.97
C GLY A 43 20.73 -16.31 40.15
N GLN A 44 21.15 -15.68 39.05
CA GLN A 44 22.05 -14.50 39.15
C GLN A 44 21.26 -13.20 39.12
N VAL A 45 21.70 -12.21 39.88
CA VAL A 45 20.87 -11.01 40.00
C VAL A 45 20.83 -10.24 38.70
N ILE A 46 19.70 -9.60 38.43
CA ILE A 46 19.49 -8.90 37.17
C ILE A 46 19.98 -7.46 37.30
N SER A 47 20.64 -6.97 36.25
CA SER A 47 21.12 -5.58 36.16
C SER A 47 21.26 -5.17 34.70
N THR A 48 21.40 -3.87 34.44
CA THR A 48 21.59 -3.43 33.06
C THR A 48 22.79 -4.10 32.44
N SER A 49 23.69 -4.61 33.27
CA SER A 49 24.90 -5.21 32.74
C SER A 49 24.63 -6.55 32.10
N THR A 50 23.78 -7.35 32.73
CA THR A 50 23.53 -8.68 32.18
C THR A 50 22.26 -8.73 31.34
N LEU A 51 21.45 -7.68 31.42
CA LEU A 51 20.28 -7.52 30.54
C LEU A 51 20.12 -6.07 30.06
N PRO A 52 20.85 -5.72 29.01
CA PRO A 52 20.87 -4.35 28.50
C PRO A 52 19.48 -3.76 28.25
N GLY A 53 19.23 -2.56 28.76
CA GLY A 53 17.97 -1.90 28.54
C GLY A 53 16.81 -2.28 29.43
N VAL A 54 16.95 -3.28 30.31
CA VAL A 54 15.87 -3.60 31.24
C VAL A 54 15.37 -2.38 32.01
N GLN A 55 14.07 -2.35 32.27
CA GLN A 55 13.44 -1.29 33.08
C GLN A 55 12.77 -1.93 34.30
N ILE A 56 12.95 -1.33 35.46
CA ILE A 56 12.31 -1.82 36.68
C ILE A 56 11.50 -0.74 37.40
N SER A 57 10.45 -1.18 38.09
CA SER A 57 9.53 -0.28 38.78
C SER A 57 8.78 -1.02 39.87
N PHE A 58 8.48 -0.29 40.93
CA PHE A 58 7.80 -0.86 42.08
C PHE A 58 7.09 0.26 42.80
N SER A 59 5.82 0.46 42.49
CA SER A 59 5.01 1.42 43.21
C SER A 59 3.56 0.96 43.34
N ASP A 60 2.99 1.23 44.51
CA ASP A 60 1.61 0.87 44.83
C ASP A 60 1.34 -0.63 44.73
N GLY A 61 2.18 -1.42 45.38
CA GLY A 61 2.00 -2.85 45.44
C GLY A 61 2.19 -3.57 44.12
N ARG A 62 2.71 -2.86 43.12
CA ARG A 62 2.79 -3.39 41.77
C ARG A 62 4.27 -3.43 41.34
N ALA A 63 4.79 -4.62 41.10
CA ALA A 63 6.18 -4.77 40.66
C ALA A 63 6.17 -5.14 39.19
N LYS A 64 7.16 -4.67 38.44
CA LYS A 64 7.11 -4.79 37.00
C LYS A 64 8.49 -4.71 36.39
N LEU A 65 8.84 -5.71 35.58
CA LEU A 65 10.14 -5.77 34.92
C LEU A 65 9.94 -5.86 33.43
N THR A 66 10.57 -4.95 32.68
CA THR A 66 10.40 -4.82 31.23
C THR A 66 11.69 -5.13 30.47
N ILE A 67 11.63 -6.03 29.49
CA ILE A 67 12.78 -6.26 28.62
C ILE A 67 12.46 -5.81 27.19
N PRO A 68 13.19 -4.82 26.69
CA PRO A 68 12.89 -4.15 25.42
C PRO A 68 12.91 -5.04 24.18
N ALA A 69 14.08 -5.52 23.79
CA ALA A 69 14.20 -6.21 22.51
C ALA A 69 14.72 -7.63 22.71
N VAL A 70 13.91 -8.46 23.34
CA VAL A 70 14.45 -9.75 23.79
C VAL A 70 15.05 -10.58 22.68
N THR A 71 15.94 -11.48 23.05
CA THR A 71 16.57 -12.40 22.11
C THR A 71 16.59 -13.78 22.72
N LYS A 72 16.37 -14.79 21.89
CA LYS A 72 16.47 -16.18 22.32
C LYS A 72 17.38 -16.38 23.51
N ALA A 73 18.60 -15.88 23.43
CA ALA A 73 19.50 -16.01 24.56
C ALA A 73 18.91 -15.54 25.88
N ASN A 74 17.94 -14.62 25.84
CA ASN A 74 17.29 -14.10 27.05
C ASN A 74 16.38 -15.07 27.81
N SER A 75 16.08 -16.21 27.21
CA SER A 75 15.17 -17.15 27.86
C SER A 75 15.77 -17.66 29.13
N GLY A 76 14.92 -18.10 30.06
CA GLY A 76 15.34 -18.59 31.37
C GLY A 76 14.38 -18.30 32.50
N ARG A 77 14.72 -18.72 33.73
CA ARG A 77 13.81 -18.56 34.87
C ARG A 77 13.92 -17.18 35.48
N TYR A 78 12.82 -16.48 35.62
CA TYR A 78 12.87 -15.18 36.27
C TYR A 78 12.23 -15.17 37.65
N SER A 79 12.95 -14.65 38.64
CA SER A 79 12.44 -14.63 40.02
C SER A 79 12.25 -13.20 40.51
N LEU A 80 11.28 -13.02 41.40
CA LEU A 80 11.06 -11.77 42.10
C LEU A 80 11.06 -12.11 43.58
N LYS A 81 11.85 -11.38 44.37
CA LYS A 81 11.88 -11.58 45.82
C LYS A 81 11.49 -10.33 46.60
N ALA A 82 10.68 -10.52 47.64
CA ALA A 82 10.22 -9.43 48.47
C ALA A 82 10.47 -9.78 49.92
N THR A 83 11.16 -8.91 50.66
CA THR A 83 11.39 -9.15 52.07
C THR A 83 11.04 -7.94 52.92
N ASN A 84 10.95 -8.20 54.24
CA ASN A 84 10.83 -7.22 55.32
C ASN A 84 10.91 -7.93 56.69
N GLY A 85 10.88 -7.17 57.78
CA GLY A 85 11.14 -7.71 59.10
C GLY A 85 10.42 -9.00 59.46
N SER A 86 9.22 -9.18 58.91
CA SER A 86 8.38 -10.30 59.25
C SER A 86 8.74 -11.57 58.49
N GLY A 87 9.16 -11.42 57.24
CA GLY A 87 9.50 -12.55 56.40
C GLY A 87 9.80 -12.16 54.96
N GLN A 88 9.75 -13.14 54.06
CA GLN A 88 10.06 -12.88 52.66
C GLN A 88 9.07 -13.58 51.76
N ALA A 89 9.32 -13.51 50.45
CA ALA A 89 8.49 -14.19 49.47
C ALA A 89 9.14 -14.26 48.09
N THR A 90 9.09 -15.42 47.48
CA THR A 90 9.64 -15.56 46.15
C THR A 90 8.57 -16.06 45.20
N SER A 91 8.62 -15.57 43.97
CA SER A 91 7.68 -15.92 42.93
C SER A 91 8.47 -16.16 41.66
N THR A 92 8.35 -17.34 41.07
CA THR A 92 9.21 -17.72 39.97
C THR A 92 8.43 -18.03 38.69
N ALA A 93 8.97 -17.62 37.55
CA ALA A 93 8.34 -17.85 36.27
C ALA A 93 9.37 -17.93 35.14
N GLU A 94 8.93 -18.43 34.00
CA GLU A 94 9.76 -18.73 32.84
C GLU A 94 9.53 -17.73 31.72
N LEU A 95 10.56 -17.48 30.94
CA LEU A 95 10.45 -16.66 29.73
C LEU A 95 10.95 -17.46 28.54
N LEU A 96 10.05 -17.77 27.61
CA LEU A 96 10.41 -18.48 26.39
C LEU A 96 10.20 -17.60 25.19
N VAL A 97 11.27 -17.36 24.44
CA VAL A 97 11.21 -16.50 23.26
C VAL A 97 11.24 -17.29 21.98
N LYS A 98 10.28 -17.04 21.11
CA LYS A 98 10.20 -17.75 19.85
C LYS A 98 10.71 -16.93 18.67
N ALA A 99 11.26 -17.62 17.69
CA ALA A 99 11.69 -16.98 16.45
C ALA A 99 10.48 -16.56 15.68
N GLU A 100 10.48 -15.34 15.16
CA GLU A 100 9.34 -14.87 14.38
C GLU A 100 9.45 -15.53 13.02
N THR A 101 8.53 -16.44 12.73
CA THR A 101 8.66 -17.25 11.53
C THR A 101 7.40 -17.09 10.74
N ALA A 102 7.42 -17.54 9.48
CA ALA A 102 6.24 -17.49 8.59
C ALA A 102 6.36 -18.47 7.44
N PRO A 103 5.30 -19.21 7.21
CA PRO A 103 5.31 -20.15 6.10
C PRO A 103 5.54 -19.43 4.76
N PRO A 104 6.15 -20.13 3.81
CA PRO A 104 6.39 -19.61 2.46
C PRO A 104 5.12 -19.02 1.93
N ASN A 105 5.17 -17.86 1.33
CA ASN A 105 3.98 -17.26 0.72
C ASN A 105 4.29 -16.79 -0.70
N PHE A 106 3.41 -17.06 -1.65
CA PHE A 106 3.63 -16.57 -2.98
C PHE A 106 2.90 -15.24 -3.13
N VAL A 107 3.63 -14.13 -3.07
CA VAL A 107 3.01 -12.85 -3.33
C VAL A 107 2.63 -12.68 -4.78
N GLN A 108 3.37 -13.28 -5.69
CA GLN A 108 3.00 -13.35 -7.11
C GLN A 108 3.10 -14.82 -7.56
N ARG A 109 2.03 -15.37 -8.11
CA ARG A 109 2.01 -16.78 -8.50
C ARG A 109 2.24 -16.99 -9.98
N LEU A 110 2.73 -18.16 -10.34
CA LEU A 110 2.95 -18.51 -11.74
C LEU A 110 1.68 -18.24 -12.54
N GLN A 111 1.80 -18.12 -13.86
CA GLN A 111 0.62 -17.82 -14.68
C GLN A 111 0.65 -18.59 -16.01
N SER A 112 -0.44 -19.25 -16.34
CA SER A 112 -0.47 -20.04 -17.57
C SER A 112 -0.37 -19.13 -18.78
N MET A 113 0.40 -19.54 -19.78
CA MET A 113 0.49 -18.75 -21.01
C MET A 113 0.67 -19.58 -22.28
N THR A 114 -0.03 -19.17 -23.32
CA THR A 114 0.00 -19.82 -24.62
C THR A 114 0.74 -18.90 -25.56
N VAL A 115 1.81 -19.37 -26.17
CA VAL A 115 2.62 -18.48 -27.00
C VAL A 115 3.01 -19.11 -28.31
N ARG A 116 3.86 -18.40 -29.04
CA ARG A 116 4.32 -18.81 -30.37
C ARG A 116 5.66 -19.54 -30.37
N GLN A 117 5.72 -20.67 -31.07
CA GLN A 117 7.01 -21.32 -31.34
C GLN A 117 8.13 -20.28 -31.64
N GLY A 118 9.29 -20.45 -31.02
CA GLY A 118 10.38 -19.51 -31.24
C GLY A 118 10.39 -18.33 -30.30
N SER A 119 9.34 -18.20 -29.47
CA SER A 119 9.28 -17.08 -28.53
C SER A 119 10.17 -17.26 -27.32
N GLN A 120 10.48 -16.11 -26.72
CA GLN A 120 11.14 -16.04 -25.45
C GLN A 120 10.04 -16.03 -24.39
N VAL A 121 10.12 -16.94 -23.42
CA VAL A 121 9.09 -17.01 -22.39
C VAL A 121 9.68 -16.84 -21.00
N ARG A 122 8.99 -16.08 -20.17
CA ARG A 122 9.48 -15.74 -18.84
C ARG A 122 8.42 -16.04 -17.80
N LEU A 123 8.59 -17.10 -17.02
CA LEU A 123 7.64 -17.41 -15.95
C LEU A 123 8.21 -16.90 -14.61
N GLN A 124 7.50 -16.01 -13.91
CA GLN A 124 8.06 -15.55 -12.63
C GLN A 124 7.13 -15.51 -11.42
N VAL A 125 7.69 -15.80 -10.25
CA VAL A 125 6.97 -15.80 -9.00
C VAL A 125 7.66 -14.86 -8.01
N ARG A 126 7.02 -14.58 -6.88
CA ARG A 126 7.60 -13.78 -5.80
C ARG A 126 7.22 -14.53 -4.54
N VAL A 127 8.19 -14.80 -3.69
CA VAL A 127 7.99 -15.70 -2.58
C VAL A 127 8.59 -15.11 -1.32
N THR A 128 7.86 -15.14 -0.21
CA THR A 128 8.43 -14.70 1.06
C THR A 128 8.47 -15.86 2.07
N GLY A 129 9.42 -15.81 3.00
CA GLY A 129 9.38 -16.71 4.15
C GLY A 129 10.46 -16.50 5.20
N ILE A 130 10.22 -16.98 6.41
CA ILE A 130 11.23 -16.92 7.46
C ILE A 130 11.17 -18.22 8.21
N PRO A 131 12.20 -19.05 8.12
CA PRO A 131 13.42 -18.78 7.37
C PRO A 131 13.24 -18.68 5.87
N THR A 132 14.25 -18.16 5.20
CA THR A 132 14.23 -18.07 3.75
C THR A 132 13.87 -19.41 3.15
N PRO A 133 12.78 -19.45 2.39
CA PRO A 133 12.39 -20.66 1.67
C PRO A 133 13.45 -21.10 0.66
N VAL A 134 13.54 -22.40 0.43
CA VAL A 134 14.35 -22.91 -0.65
C VAL A 134 13.42 -23.07 -1.83
N VAL A 135 13.71 -22.41 -2.95
CA VAL A 135 12.81 -22.42 -4.09
C VAL A 135 13.33 -23.22 -5.26
N LYS A 136 12.52 -24.10 -5.84
CA LYS A 136 12.97 -24.85 -7.00
C LYS A 136 11.93 -24.85 -8.09
N PHE A 137 12.39 -24.97 -9.34
CA PHE A 137 11.49 -25.06 -10.49
C PHE A 137 11.41 -26.48 -11.09
N TYR A 138 10.23 -26.78 -11.63
CA TYR A 138 9.92 -28.12 -12.15
C TYR A 138 9.12 -28.05 -13.44
N ARG A 139 9.29 -29.05 -14.28
CA ARG A 139 8.42 -29.24 -15.43
C ARG A 139 7.84 -30.63 -15.31
N ASP A 140 6.52 -30.73 -15.25
CA ASP A 140 5.90 -32.04 -15.21
C ASP A 140 6.56 -32.96 -14.18
N GLY A 141 6.87 -32.41 -13.02
CA GLY A 141 7.40 -33.24 -11.94
C GLY A 141 8.90 -33.44 -11.91
N ALA A 142 9.58 -33.06 -12.99
CA ALA A 142 11.03 -33.15 -13.08
C ALA A 142 11.65 -31.79 -12.81
N GLU A 143 12.61 -31.73 -11.87
CA GLU A 143 13.26 -30.49 -11.48
C GLU A 143 14.09 -29.91 -12.62
N ILE A 144 13.92 -28.61 -12.91
CA ILE A 144 14.64 -27.94 -13.97
C ILE A 144 16.03 -27.44 -13.53
N GLN A 145 17.04 -27.66 -14.37
CA GLN A 145 18.39 -27.29 -14.00
C GLN A 145 18.85 -26.06 -14.76
N SER A 146 19.08 -24.97 -14.05
CA SER A 146 19.41 -23.71 -14.69
C SER A 146 20.48 -23.84 -15.74
N SER A 147 20.26 -23.20 -16.89
CA SER A 147 21.24 -23.20 -17.97
C SER A 147 20.88 -22.11 -18.94
N LEU A 148 21.72 -21.92 -19.94
CA LEU A 148 21.51 -20.87 -20.93
C LEU A 148 20.16 -20.95 -21.64
N ASP A 149 19.69 -22.16 -21.92
CA ASP A 149 18.39 -22.38 -22.56
C ASP A 149 17.24 -22.22 -21.55
N PHE A 150 17.51 -22.52 -20.28
CA PHE A 150 16.50 -22.39 -19.23
C PHE A 150 17.16 -21.67 -18.07
N GLN A 151 17.11 -20.34 -18.13
CA GLN A 151 17.88 -19.51 -17.22
C GLN A 151 17.09 -19.20 -15.97
N ILE A 152 17.55 -19.69 -14.82
CA ILE A 152 16.86 -19.36 -13.59
C ILE A 152 17.66 -18.31 -12.85
N SER A 153 16.99 -17.27 -12.36
CA SER A 153 17.72 -16.23 -11.64
C SER A 153 16.93 -15.67 -10.48
N GLN A 154 17.64 -15.13 -9.49
CA GLN A 154 17.00 -14.58 -8.30
C GLN A 154 17.34 -13.13 -8.18
N GLU A 155 16.34 -12.31 -7.86
CA GLU A 155 16.51 -10.87 -7.71
C GLU A 155 15.68 -10.42 -6.51
N GLY A 156 16.33 -10.29 -5.36
CA GLY A 156 15.57 -10.06 -4.15
C GLY A 156 14.71 -11.28 -3.97
N ASP A 157 13.42 -11.09 -3.70
CA ASP A 157 12.52 -12.21 -3.52
C ASP A 157 11.72 -12.49 -4.79
N LEU A 158 12.27 -12.11 -5.93
CA LEU A 158 11.67 -12.39 -7.22
C LEU A 158 12.49 -13.49 -7.94
N TYR A 159 11.86 -14.62 -8.23
CA TYR A 159 12.54 -15.71 -8.90
C TYR A 159 12.05 -15.84 -10.32
N SER A 160 12.95 -16.09 -11.27
CA SER A 160 12.58 -16.13 -12.68
C SER A 160 13.18 -17.31 -13.44
N LEU A 161 12.40 -17.79 -14.41
CA LEU A 161 12.83 -18.80 -15.36
C LEU A 161 12.66 -18.18 -16.71
N LEU A 162 13.76 -18.11 -17.47
CA LEU A 162 13.69 -17.54 -18.79
C LEU A 162 13.95 -18.63 -19.81
N ILE A 163 12.93 -18.96 -20.58
CA ILE A 163 13.08 -19.95 -21.63
C ILE A 163 13.43 -19.21 -22.87
N ALA A 164 14.69 -19.30 -23.27
CA ALA A 164 15.18 -18.53 -24.42
C ALA A 164 14.31 -18.75 -25.66
N GLU A 165 14.07 -20.01 -25.98
CA GLU A 165 13.36 -20.35 -27.21
C GLU A 165 12.37 -21.49 -27.03
N ALA A 166 11.10 -21.14 -26.88
CA ALA A 166 10.15 -22.19 -26.57
C ALA A 166 9.71 -22.96 -27.80
N TYR A 167 9.50 -24.26 -27.61
CA TYR A 167 8.95 -25.12 -28.63
C TYR A 167 7.88 -25.98 -28.04
N PRO A 168 7.18 -26.71 -28.90
CA PRO A 168 6.08 -27.53 -28.43
C PRO A 168 6.56 -28.58 -27.43
N GLU A 169 7.81 -29.02 -27.55
CA GLU A 169 8.31 -30.00 -26.58
C GLU A 169 8.49 -29.40 -25.20
N ASP A 170 8.37 -28.09 -25.10
CA ASP A 170 8.55 -27.38 -23.84
C ASP A 170 7.21 -27.22 -23.12
N SER A 171 6.12 -27.48 -23.84
CA SER A 171 4.78 -27.38 -23.25
C SER A 171 4.64 -28.33 -22.08
N GLY A 172 3.78 -28.01 -21.14
CA GLY A 172 3.57 -28.86 -19.99
C GLY A 172 3.17 -28.09 -18.75
N THR A 173 3.15 -28.78 -17.62
CA THR A 173 2.84 -28.15 -16.34
C THR A 173 4.13 -27.74 -15.64
N TYR A 174 4.36 -26.44 -15.53
CA TYR A 174 5.48 -25.95 -14.75
C TYR A 174 4.99 -25.64 -13.36
N SER A 175 5.86 -25.85 -12.38
CA SER A 175 5.52 -25.59 -11.00
C SER A 175 6.75 -25.13 -10.25
N VAL A 176 6.53 -24.41 -9.16
CA VAL A 176 7.56 -23.91 -8.26
C VAL A 176 7.21 -24.32 -6.84
N ASN A 177 8.14 -24.98 -6.17
CA ASN A 177 7.93 -25.44 -4.82
C ASN A 177 8.77 -24.61 -3.86
N ALA A 178 8.16 -24.11 -2.77
CA ALA A 178 8.93 -23.33 -1.78
C ALA A 178 8.79 -23.94 -0.40
N THR A 179 9.88 -24.43 0.19
CA THR A 179 9.77 -25.06 1.48
C THR A 179 10.67 -24.42 2.53
N ASN A 180 10.28 -24.52 3.80
CA ASN A 180 11.12 -24.10 4.89
C ASN A 180 10.68 -24.85 6.13
N SER A 181 11.36 -24.60 7.24
CA SER A 181 11.15 -25.40 8.46
C SER A 181 9.73 -25.35 8.99
N VAL A 182 8.97 -24.31 8.66
CA VAL A 182 7.60 -24.22 9.18
C VAL A 182 6.52 -24.38 8.15
N GLY A 183 6.89 -24.61 6.90
CA GLY A 183 5.85 -24.87 5.91
C GLY A 183 6.32 -24.89 4.49
N ARG A 184 5.35 -25.05 3.59
CA ARG A 184 5.66 -25.08 2.18
C ARG A 184 4.52 -24.67 1.29
N ALA A 185 4.83 -24.13 0.12
CA ALA A 185 3.81 -23.68 -0.80
C ALA A 185 4.15 -23.99 -2.28
N THR A 186 3.12 -24.19 -3.08
CA THR A 186 3.33 -24.65 -4.42
C THR A 186 2.39 -23.90 -5.37
N SER A 187 2.98 -23.43 -6.48
CA SER A 187 2.27 -22.71 -7.52
C SER A 187 2.55 -23.41 -8.84
N THR A 188 1.49 -23.81 -9.53
CA THR A 188 1.66 -24.48 -10.80
C THR A 188 0.82 -23.79 -11.85
N ALA A 189 1.29 -23.87 -13.09
CA ALA A 189 0.62 -23.25 -14.19
C ALA A 189 0.97 -24.04 -15.43
N GLU A 190 0.30 -23.73 -16.53
CA GLU A 190 0.50 -24.50 -17.73
C GLU A 190 1.03 -23.62 -18.85
N LEU A 191 2.02 -24.13 -19.55
CA LEU A 191 2.57 -23.41 -20.70
C LEU A 191 2.26 -24.15 -21.99
N LEU A 192 1.56 -23.46 -22.90
CA LEU A 192 1.25 -24.05 -24.19
C LEU A 192 2.04 -23.37 -25.30
N VAL A 193 2.79 -24.14 -26.05
CA VAL A 193 3.58 -23.61 -27.15
C VAL A 193 3.04 -24.06 -28.47
N GLN A 194 2.43 -23.14 -29.20
CA GLN A 194 1.82 -23.46 -30.47
C GLN A 194 2.83 -23.50 -31.61
N GLY A 195 2.69 -24.49 -32.47
CA GLY A 195 3.56 -24.62 -33.64
C GLY A 195 2.87 -24.19 -34.92
N MET B 1 -19.11 -10.18 -14.34
CA MET B 1 -18.65 -9.41 -15.53
C MET B 1 -17.30 -9.93 -16.00
N THR B 2 -16.63 -10.65 -15.11
CA THR B 2 -15.33 -11.20 -15.41
C THR B 2 -15.26 -12.59 -14.79
N THR B 3 -15.57 -13.61 -15.59
CA THR B 3 -15.60 -14.97 -15.08
C THR B 3 -14.27 -15.31 -14.41
N GLN B 4 -14.31 -15.42 -13.08
CA GLN B 4 -13.13 -15.56 -12.24
C GLN B 4 -13.28 -16.69 -11.22
N ALA B 5 -12.36 -17.66 -11.24
CA ALA B 5 -12.42 -18.80 -10.32
C ALA B 5 -12.36 -18.33 -8.87
N PRO B 6 -12.92 -19.15 -7.96
CA PRO B 6 -13.04 -18.81 -6.55
C PRO B 6 -11.70 -18.78 -5.83
N THR B 7 -11.48 -17.75 -5.02
CA THR B 7 -10.22 -17.66 -4.31
C THR B 7 -10.40 -17.04 -2.93
N PHE B 8 -9.72 -17.61 -1.96
CA PHE B 8 -9.87 -17.15 -0.60
C PHE B 8 -9.15 -15.86 -0.40
N THR B 9 -9.89 -14.79 -0.22
CA THR B 9 -9.19 -13.57 0.11
C THR B 9 -8.52 -13.71 1.49
N GLN B 10 -9.08 -14.55 2.38
CA GLN B 10 -8.46 -14.78 3.68
C GLN B 10 -8.84 -16.15 4.23
N PRO B 11 -7.90 -17.08 4.26
CA PRO B 11 -8.17 -18.47 4.63
C PRO B 11 -8.75 -18.65 6.03
N LEU B 12 -9.14 -19.88 6.34
CA LEU B 12 -9.64 -20.22 7.65
C LEU B 12 -8.47 -20.13 8.57
N GLN B 13 -8.72 -19.96 9.86
CA GLN B 13 -7.67 -19.85 10.86
C GLN B 13 -7.99 -20.76 12.02
N SER B 14 -7.04 -21.59 12.42
CA SER B 14 -7.29 -22.53 13.50
C SER B 14 -7.60 -21.77 14.77
N VAL B 15 -8.38 -22.37 15.66
CA VAL B 15 -8.74 -21.71 16.91
C VAL B 15 -8.74 -22.63 18.11
N VAL B 16 -8.30 -22.07 19.24
CA VAL B 16 -8.36 -22.78 20.52
C VAL B 16 -9.42 -22.15 21.36
N VAL B 17 -10.33 -22.97 21.88
CA VAL B 17 -11.37 -22.41 22.74
C VAL B 17 -11.68 -23.29 23.98
N LEU B 18 -12.42 -22.68 24.90
CA LEU B 18 -12.75 -23.31 26.17
C LEU B 18 -14.00 -24.16 26.02
N GLU B 19 -13.87 -25.44 26.29
CA GLU B 19 -15.03 -26.31 26.29
C GLU B 19 -16.19 -25.50 26.89
N GLY B 20 -17.35 -25.52 26.25
CA GLY B 20 -18.48 -24.79 26.78
C GLY B 20 -18.70 -23.41 26.15
N SER B 21 -17.69 -22.87 25.48
CA SER B 21 -17.85 -21.58 24.82
C SER B 21 -18.08 -21.68 23.31
N THR B 22 -18.21 -20.52 22.67
CA THR B 22 -18.52 -20.43 21.25
C THR B 22 -17.25 -20.46 20.39
N ALA B 23 -17.30 -21.10 19.22
CA ALA B 23 -16.16 -21.09 18.28
C ALA B 23 -16.63 -20.64 16.94
N THR B 24 -15.78 -19.94 16.21
CA THR B 24 -16.18 -19.40 14.92
C THR B 24 -15.08 -19.52 13.89
N PHE B 25 -15.33 -20.16 12.76
CA PHE B 25 -14.38 -20.11 11.68
C PHE B 25 -14.88 -19.04 10.74
N GLU B 26 -14.00 -18.20 10.23
CA GLU B 26 -14.43 -17.18 9.27
C GLU B 26 -13.48 -17.11 8.08
N ALA B 27 -14.05 -16.80 6.92
CA ALA B 27 -13.30 -16.72 5.67
C ALA B 27 -13.96 -15.70 4.73
N HIS B 28 -13.18 -15.07 3.86
CA HIS B 28 -13.72 -14.16 2.86
C HIS B 28 -13.46 -14.76 1.49
N ILE B 29 -14.40 -14.65 0.58
CA ILE B 29 -14.28 -15.34 -0.69
C ILE B 29 -14.62 -14.48 -1.89
N SER B 30 -14.05 -14.83 -3.04
CA SER B 30 -14.31 -14.10 -4.27
C SER B 30 -14.56 -15.10 -5.37
N GLY B 31 -15.01 -14.60 -6.50
CA GLY B 31 -15.36 -15.47 -7.62
C GLY B 31 -16.56 -14.94 -8.36
N PHE B 32 -16.83 -15.53 -9.52
CA PHE B 32 -17.99 -15.19 -10.32
C PHE B 32 -18.13 -16.21 -11.45
N PRO B 33 -19.31 -16.81 -11.58
CA PRO B 33 -20.46 -16.56 -10.71
C PRO B 33 -20.10 -16.88 -9.27
N VAL B 34 -20.79 -16.30 -8.29
CA VAL B 34 -20.53 -16.58 -6.88
C VAL B 34 -20.52 -18.08 -6.59
N PRO B 35 -19.51 -18.54 -5.87
CA PRO B 35 -19.32 -19.96 -5.55
C PRO B 35 -20.42 -20.58 -4.72
N GLU B 36 -20.63 -21.88 -4.89
CA GLU B 36 -21.46 -22.63 -3.98
C GLU B 36 -20.46 -22.89 -2.89
N VAL B 37 -20.94 -22.94 -1.66
CA VAL B 37 -20.10 -23.04 -0.49
C VAL B 37 -20.59 -24.20 0.36
N SER B 38 -19.68 -24.93 1.02
CA SER B 38 -20.05 -26.05 1.88
C SER B 38 -18.95 -26.45 2.88
N TRP B 39 -19.34 -26.95 4.05
CA TRP B 39 -18.42 -27.26 5.14
C TRP B 39 -18.28 -28.74 5.52
N PHE B 40 -17.11 -29.12 6.03
CA PHE B 40 -16.80 -30.50 6.42
C PHE B 40 -16.08 -30.63 7.76
N ARG B 41 -16.31 -31.73 8.46
CA ARG B 41 -15.46 -32.07 9.59
C ARG B 41 -14.74 -33.40 9.25
N ASP B 42 -13.44 -33.41 9.40
CA ASP B 42 -12.68 -34.61 9.10
C ASP B 42 -13.17 -35.29 7.81
N GLY B 43 -13.44 -34.50 6.77
CA GLY B 43 -13.80 -35.06 5.48
C GLY B 43 -15.29 -35.32 5.33
N GLN B 44 -16.01 -35.36 6.44
CA GLN B 44 -17.44 -35.56 6.42
C GLN B 44 -18.21 -34.26 6.30
N VAL B 45 -19.26 -34.28 5.49
CA VAL B 45 -20.07 -33.10 5.23
C VAL B 45 -20.83 -32.69 6.49
N ILE B 46 -20.97 -31.38 6.69
CA ILE B 46 -21.60 -30.84 7.89
C ILE B 46 -23.04 -30.42 7.67
N SER B 47 -23.93 -30.91 8.52
CA SER B 47 -25.35 -30.52 8.48
C SER B 47 -25.87 -30.43 9.91
N THR B 48 -27.08 -29.91 10.07
CA THR B 48 -27.69 -29.83 11.40
C THR B 48 -28.03 -31.21 11.89
N SER B 49 -27.63 -32.24 11.16
CA SER B 49 -27.89 -33.58 11.61
C SER B 49 -26.65 -34.17 12.23
N THR B 50 -25.53 -33.56 11.91
CA THR B 50 -24.25 -33.97 12.47
C THR B 50 -23.82 -33.04 13.59
N LEU B 51 -24.29 -31.80 13.55
CA LEU B 51 -23.89 -30.81 14.55
C LEU B 51 -25.05 -29.88 14.94
N PRO B 52 -25.93 -30.39 15.80
CA PRO B 52 -27.11 -29.64 16.19
C PRO B 52 -26.71 -28.28 16.74
N GLY B 53 -27.49 -27.26 16.38
CA GLY B 53 -27.24 -25.90 16.84
C GLY B 53 -26.25 -25.11 15.99
N VAL B 54 -25.62 -25.73 14.99
CA VAL B 54 -24.64 -25.00 14.19
C VAL B 54 -25.31 -23.83 13.51
N GLN B 55 -24.60 -22.71 13.43
CA GLN B 55 -25.11 -21.56 12.67
C GLN B 55 -24.22 -21.31 11.44
N ILE B 56 -24.77 -21.50 10.25
CA ILE B 56 -24.00 -21.33 9.04
C ILE B 56 -24.57 -20.19 8.21
N SER B 57 -23.71 -19.36 7.67
CA SER B 57 -24.17 -18.23 6.87
C SER B 57 -23.19 -17.99 5.72
N PHE B 58 -23.69 -17.41 4.65
CA PHE B 58 -22.90 -17.25 3.44
C PHE B 58 -23.49 -16.15 2.59
N SER B 59 -22.99 -14.93 2.80
CA SER B 59 -23.47 -13.78 2.06
C SER B 59 -22.47 -12.63 2.10
N ASP B 60 -22.47 -11.81 1.05
CA ASP B 60 -21.58 -10.66 0.95
C ASP B 60 -20.11 -11.09 0.83
N GLY B 61 -19.91 -12.26 0.24
CA GLY B 61 -18.57 -12.84 0.12
C GLY B 61 -18.00 -13.37 1.42
N ARG B 62 -18.69 -13.18 2.53
CA ARG B 62 -18.19 -13.68 3.81
C ARG B 62 -18.99 -14.90 4.28
N ALA B 63 -18.28 -16.00 4.50
CA ALA B 63 -18.87 -17.28 4.90
C ALA B 63 -18.55 -17.50 6.36
N LYS B 64 -19.54 -17.90 7.16
CA LYS B 64 -19.34 -18.10 8.60
C LYS B 64 -19.96 -19.39 9.13
N LEU B 65 -19.22 -20.10 9.97
CA LEU B 65 -19.73 -21.25 10.69
C LEU B 65 -19.43 -21.05 12.17
N THR B 66 -20.46 -21.09 12.99
CA THR B 66 -20.32 -20.82 14.44
C THR B 66 -20.91 -21.95 15.28
N ILE B 67 -20.17 -22.39 16.27
CA ILE B 67 -20.67 -23.38 17.21
C ILE B 67 -20.87 -22.68 18.54
N PRO B 68 -22.11 -22.40 18.90
CA PRO B 68 -22.45 -21.68 20.16
C PRO B 68 -21.80 -22.26 21.42
N ALA B 69 -21.96 -23.57 21.63
CA ALA B 69 -21.36 -24.24 22.79
C ALA B 69 -20.52 -25.46 22.40
N VAL B 70 -19.21 -25.32 22.36
CA VAL B 70 -18.43 -26.42 21.82
C VAL B 70 -18.19 -27.49 22.86
N THR B 71 -18.18 -28.74 22.43
CA THR B 71 -17.74 -29.82 23.28
C THR B 71 -16.40 -30.36 22.80
N LYS B 72 -15.74 -31.11 23.68
CA LYS B 72 -14.49 -31.82 23.37
C LYS B 72 -14.62 -32.60 22.10
N ALA B 73 -15.73 -33.30 21.93
CA ALA B 73 -15.94 -34.12 20.74
C ALA B 73 -15.96 -33.33 19.43
N ASN B 74 -16.11 -32.01 19.51
CA ASN B 74 -16.13 -31.21 18.29
C ASN B 74 -14.71 -31.00 17.72
N SER B 75 -13.67 -31.27 18.49
CA SER B 75 -12.33 -31.08 17.96
C SER B 75 -12.18 -31.79 16.62
N GLY B 76 -11.39 -31.22 15.73
CA GLY B 76 -11.17 -31.81 14.44
C GLY B 76 -10.75 -30.77 13.44
N ARG B 77 -10.58 -31.17 12.18
CA ARG B 77 -10.24 -30.23 11.13
C ARG B 77 -11.50 -29.76 10.44
N TYR B 78 -11.57 -28.47 10.14
CA TYR B 78 -12.73 -27.90 9.50
C TYR B 78 -12.36 -27.37 8.14
N SER B 79 -13.14 -27.71 7.13
CA SER B 79 -12.85 -27.30 5.76
C SER B 79 -14.00 -26.51 5.18
N LEU B 80 -13.68 -25.41 4.52
CA LEU B 80 -14.67 -24.67 3.77
C LEU B 80 -14.34 -24.87 2.30
N LYS B 81 -15.30 -25.37 1.54
CA LYS B 81 -15.08 -25.67 0.13
C LYS B 81 -15.93 -24.72 -0.71
N ALA B 82 -15.32 -24.08 -1.69
CA ALA B 82 -16.02 -23.15 -2.58
C ALA B 82 -15.92 -23.62 -4.03
N THR B 83 -17.05 -23.74 -4.70
CA THR B 83 -17.06 -24.27 -6.05
C THR B 83 -17.75 -23.33 -7.02
N ASN B 84 -17.33 -23.38 -8.27
CA ASN B 84 -17.97 -22.63 -9.32
C ASN B 84 -17.49 -23.14 -10.69
N GLY B 85 -18.08 -22.66 -11.77
CA GLY B 85 -17.81 -23.21 -13.08
C GLY B 85 -16.39 -23.11 -13.60
N SER B 86 -15.57 -22.24 -13.04
CA SER B 86 -14.21 -22.05 -13.54
C SER B 86 -13.15 -22.76 -12.69
N GLY B 87 -13.57 -23.29 -11.56
CA GLY B 87 -12.64 -23.97 -10.68
C GLY B 87 -13.16 -24.23 -9.29
N GLN B 88 -12.26 -24.31 -8.33
CA GLN B 88 -12.59 -24.78 -7.01
C GLN B 88 -11.54 -24.34 -6.00
N ALA B 89 -11.91 -24.23 -4.74
CA ALA B 89 -11.01 -23.74 -3.71
C ALA B 89 -11.35 -24.30 -2.33
N THR B 90 -10.34 -24.72 -1.58
CA THR B 90 -10.54 -25.31 -0.24
C THR B 90 -9.65 -24.69 0.82
N SER B 91 -10.14 -24.63 2.05
CA SER B 91 -9.36 -24.13 3.17
C SER B 91 -9.64 -24.98 4.40
N THR B 92 -8.57 -25.38 5.09
CA THR B 92 -8.69 -26.26 6.25
C THR B 92 -8.00 -25.65 7.46
N ALA B 93 -8.64 -25.74 8.62
CA ALA B 93 -8.05 -25.22 9.84
C ALA B 93 -8.50 -26.15 10.94
N GLU B 94 -7.84 -26.11 12.11
CA GLU B 94 -8.27 -26.97 13.20
C GLU B 94 -9.10 -26.23 14.25
N LEU B 95 -9.85 -27.02 15.01
CA LEU B 95 -10.59 -26.53 16.16
C LEU B 95 -10.06 -27.33 17.32
N LEU B 96 -9.47 -26.65 18.30
CA LEU B 96 -8.93 -27.31 19.47
C LEU B 96 -9.68 -26.89 20.74
N VAL B 97 -10.38 -27.85 21.33
CA VAL B 97 -11.22 -27.62 22.48
C VAL B 97 -10.52 -28.03 23.78
N LYS B 98 -10.29 -27.05 24.62
CA LYS B 98 -9.60 -27.26 25.89
C LYS B 98 -10.56 -27.27 27.09
N ALA B 99 -10.37 -28.22 28.02
CA ALA B 99 -11.20 -28.26 29.23
C ALA B 99 -10.70 -27.31 30.31
N GLU B 100 -11.63 -26.80 31.12
CA GLU B 100 -11.34 -25.99 32.32
C GLU B 100 -10.44 -26.76 33.28
N THR B 101 -9.34 -26.16 33.71
CA THR B 101 -8.60 -26.76 34.79
C THR B 101 -7.94 -25.62 35.55
N ALA B 102 -7.74 -25.80 36.86
CA ALA B 102 -7.05 -24.81 37.71
C ALA B 102 -6.40 -25.54 38.86
N PRO B 103 -5.16 -25.14 39.13
CA PRO B 103 -4.35 -25.71 40.19
C PRO B 103 -4.81 -25.27 41.58
N PRO B 104 -4.57 -26.14 42.56
CA PRO B 104 -5.03 -25.94 43.92
C PRO B 104 -4.67 -24.57 44.40
N ASN B 105 -5.56 -23.92 45.12
CA ASN B 105 -5.19 -22.64 45.70
C ASN B 105 -5.78 -22.57 47.09
N PHE B 106 -5.16 -21.81 47.98
CA PHE B 106 -5.67 -21.70 49.35
C PHE B 106 -6.27 -20.32 49.50
N VAL B 107 -7.59 -20.26 49.47
CA VAL B 107 -8.27 -18.98 49.54
C VAL B 107 -8.24 -18.53 50.94
N GLN B 108 -7.96 -19.47 51.83
CA GLN B 108 -7.84 -19.19 53.25
C GLN B 108 -6.81 -20.15 53.78
N ARG B 109 -5.83 -19.60 54.47
CA ARG B 109 -4.62 -20.30 54.84
C ARG B 109 -4.65 -20.75 56.27
N LEU B 110 -3.90 -21.81 56.56
CA LEU B 110 -3.77 -22.32 57.91
C LEU B 110 -3.21 -21.15 58.68
N GLN B 111 -3.41 -21.12 59.98
CA GLN B 111 -3.07 -19.92 60.72
C GLN B 111 -2.53 -20.29 62.10
N SER B 112 -1.30 -19.88 62.41
CA SER B 112 -0.65 -20.25 63.66
C SER B 112 -1.43 -19.76 64.83
N MET B 113 -1.52 -20.56 65.89
CA MET B 113 -2.27 -20.13 67.07
C MET B 113 -1.79 -20.71 68.40
N THR B 114 -1.91 -19.90 69.46
CA THR B 114 -1.52 -20.29 70.82
C THR B 114 -2.72 -20.53 71.70
N VAL B 115 -2.78 -21.68 72.34
CA VAL B 115 -3.92 -21.99 73.19
C VAL B 115 -3.55 -22.57 74.54
N ARG B 116 -4.55 -22.71 75.39
CA ARG B 116 -4.42 -23.22 76.75
C ARG B 116 -4.72 -24.71 76.88
N GLN B 117 -4.00 -25.38 77.76
CA GLN B 117 -4.17 -26.80 77.97
C GLN B 117 -5.67 -27.07 78.13
N GLY B 118 -6.21 -27.97 77.31
CA GLY B 118 -7.61 -28.36 77.45
C GLY B 118 -8.58 -27.54 76.63
N SER B 119 -8.06 -26.83 75.63
CA SER B 119 -8.91 -26.06 74.74
C SER B 119 -9.31 -26.86 73.51
N GLN B 120 -10.46 -26.52 72.95
CA GLN B 120 -10.85 -27.12 71.68
C GLN B 120 -10.14 -26.29 70.61
N VAL B 121 -9.59 -26.95 69.59
CA VAL B 121 -8.82 -26.22 68.60
C VAL B 121 -9.22 -26.64 67.24
N ARG B 122 -9.43 -25.64 66.39
CA ARG B 122 -9.80 -25.88 65.03
C ARG B 122 -8.83 -25.30 64.02
N LEU B 123 -8.20 -26.15 63.24
CA LEU B 123 -7.38 -25.71 62.15
C LEU B 123 -8.17 -25.87 60.85
N GLN B 124 -8.45 -24.76 60.17
CA GLN B 124 -9.17 -24.83 58.90
C GLN B 124 -8.62 -24.06 57.70
N VAL B 125 -8.78 -24.64 56.51
CA VAL B 125 -8.34 -24.10 55.23
C VAL B 125 -9.56 -24.01 54.28
N ARG B 126 -9.41 -23.33 53.15
CA ARG B 126 -10.44 -23.23 52.12
C ARG B 126 -9.70 -23.36 50.82
N VAL B 127 -10.01 -24.40 50.08
CA VAL B 127 -9.18 -24.82 48.98
C VAL B 127 -10.04 -24.84 47.76
N THR B 128 -9.48 -24.39 46.63
CA THR B 128 -10.17 -24.38 45.36
C THR B 128 -9.29 -25.03 44.33
N GLY B 129 -9.92 -25.75 43.40
CA GLY B 129 -9.25 -26.33 42.23
C GLY B 129 -10.15 -27.01 41.22
N ILE B 130 -9.65 -27.22 40.02
CA ILE B 130 -10.44 -27.96 39.05
C ILE B 130 -9.42 -28.75 38.26
N PRO B 131 -9.47 -30.07 38.33
CA PRO B 131 -10.43 -30.80 39.14
C PRO B 131 -10.21 -30.59 40.65
N THR B 132 -11.19 -31.04 41.43
CA THR B 132 -11.17 -30.94 42.85
C THR B 132 -9.91 -31.61 43.31
N PRO B 133 -9.11 -30.90 44.09
CA PRO B 133 -7.83 -31.38 44.60
C PRO B 133 -8.03 -32.39 45.72
N VAL B 134 -7.12 -33.36 45.82
CA VAL B 134 -7.05 -34.24 46.98
C VAL B 134 -6.36 -33.47 48.12
N VAL B 135 -6.92 -33.52 49.33
CA VAL B 135 -6.27 -32.79 50.41
C VAL B 135 -5.91 -33.66 51.59
N LYS B 136 -4.71 -33.43 52.13
CA LYS B 136 -4.26 -34.14 53.31
C LYS B 136 -3.74 -33.25 54.46
N PHE B 137 -3.87 -33.73 55.70
CA PHE B 137 -3.28 -33.05 56.85
C PHE B 137 -2.02 -33.75 57.39
N TYR B 138 -1.08 -32.97 57.90
CA TYR B 138 0.16 -33.50 58.42
C TYR B 138 0.49 -32.83 59.73
N ARG B 139 1.21 -33.56 60.59
CA ARG B 139 1.78 -32.97 61.80
C ARG B 139 3.26 -33.37 61.86
N ASP B 140 4.14 -32.41 62.12
CA ASP B 140 5.55 -32.68 62.14
C ASP B 140 5.89 -33.69 61.06
N GLY B 141 5.44 -33.43 59.84
CA GLY B 141 5.85 -34.21 58.68
C GLY B 141 5.09 -35.48 58.36
N ALA B 142 4.29 -35.95 59.31
CA ALA B 142 3.56 -37.23 59.14
C ALA B 142 2.08 -37.00 58.88
N GLU B 143 1.52 -37.78 57.95
CA GLU B 143 0.12 -37.64 57.55
C GLU B 143 -0.87 -38.05 58.63
N ILE B 144 -1.97 -37.32 58.71
CA ILE B 144 -3.02 -37.62 59.68
C ILE B 144 -4.22 -38.37 59.10
N GLN B 145 -4.52 -39.52 59.67
CA GLN B 145 -5.67 -40.31 59.29
C GLN B 145 -6.79 -39.82 60.21
N SER B 146 -7.82 -39.20 59.64
CA SER B 146 -8.91 -38.69 60.46
C SER B 146 -9.34 -39.78 61.40
N SER B 147 -9.62 -39.40 62.64
CA SER B 147 -10.00 -40.35 63.68
C SER B 147 -10.44 -39.55 64.87
N LEU B 148 -10.95 -40.28 65.85
CA LEU B 148 -11.48 -39.69 67.05
C LEU B 148 -10.52 -38.63 67.49
N ASP B 149 -9.26 -39.02 67.51
CA ASP B 149 -8.15 -38.19 67.93
C ASP B 149 -7.98 -36.85 67.17
N PHE B 150 -8.11 -36.90 65.86
CA PHE B 150 -8.03 -35.69 65.06
C PHE B 150 -9.12 -35.77 64.00
N GLN B 151 -10.23 -35.05 64.17
CA GLN B 151 -11.35 -35.27 63.26
C GLN B 151 -11.22 -34.36 62.08
N ILE B 152 -11.01 -34.93 60.90
CA ILE B 152 -10.91 -34.14 59.68
C ILE B 152 -12.28 -34.24 59.04
N SER B 153 -12.77 -33.12 58.52
CA SER B 153 -14.10 -33.11 57.94
C SER B 153 -14.21 -31.97 56.95
N GLN B 154 -14.92 -32.21 55.85
CA GLN B 154 -15.09 -31.25 54.77
C GLN B 154 -16.51 -30.67 54.76
N GLU B 155 -16.65 -29.40 54.41
CA GLU B 155 -17.93 -28.68 54.44
C GLU B 155 -17.95 -27.68 53.31
N GLY B 156 -18.37 -28.10 52.13
CA GLY B 156 -18.19 -27.25 50.98
C GLY B 156 -16.72 -27.37 50.65
N ASP B 157 -16.08 -26.24 50.38
CA ASP B 157 -14.68 -26.24 49.98
C ASP B 157 -13.79 -25.95 51.18
N LEU B 158 -14.38 -25.97 52.37
CA LEU B 158 -13.70 -25.63 53.61
C LEU B 158 -13.34 -26.89 54.38
N TYR B 159 -12.06 -27.16 54.55
CA TYR B 159 -11.60 -28.35 55.28
C TYR B 159 -11.10 -27.98 56.69
N SER B 160 -11.48 -28.79 57.68
CA SER B 160 -11.06 -28.52 59.05
C SER B 160 -10.73 -29.73 59.86
N LEU B 161 -9.81 -29.53 60.81
CA LEU B 161 -9.29 -30.56 61.70
C LEU B 161 -9.52 -30.16 63.14
N LEU B 162 -10.41 -30.86 63.81
CA LEU B 162 -10.77 -30.50 65.17
C LEU B 162 -9.99 -31.29 66.21
N ILE B 163 -9.33 -30.58 67.11
CA ILE B 163 -8.71 -31.26 68.23
C ILE B 163 -9.64 -31.10 69.41
N ALA B 164 -10.34 -32.18 69.74
CA ALA B 164 -11.39 -32.15 70.76
C ALA B 164 -10.93 -31.43 72.00
N GLU B 165 -9.74 -31.79 72.46
CA GLU B 165 -9.10 -31.17 73.61
C GLU B 165 -7.59 -31.18 73.40
N ALA B 166 -6.97 -30.01 73.56
CA ALA B 166 -5.58 -29.89 73.20
C ALA B 166 -4.62 -29.98 74.37
N TYR B 167 -3.49 -30.66 74.14
CA TYR B 167 -2.47 -30.86 75.15
C TYR B 167 -1.11 -30.64 74.53
N PRO B 168 -0.12 -30.33 75.37
CA PRO B 168 1.23 -30.08 74.91
C PRO B 168 1.68 -31.08 73.88
N GLU B 169 1.48 -32.37 74.10
CA GLU B 169 1.89 -33.33 73.09
C GLU B 169 1.37 -32.92 71.72
N ASP B 170 0.32 -32.11 71.68
CA ASP B 170 -0.22 -31.65 70.39
C ASP B 170 0.51 -30.45 69.76
N SER B 171 1.30 -29.73 70.55
CA SER B 171 2.04 -28.65 69.97
C SER B 171 2.86 -29.20 68.82
N GLY B 172 3.10 -28.40 67.79
CA GLY B 172 3.84 -28.88 66.67
C GLY B 172 3.51 -28.13 65.40
N THR B 173 4.08 -28.61 64.28
CA THR B 173 3.94 -27.96 62.99
C THR B 173 2.90 -28.69 62.15
N TYR B 174 1.82 -27.98 61.81
CA TYR B 174 0.78 -28.65 61.01
C TYR B 174 0.84 -28.14 59.59
N SER B 175 0.30 -28.89 58.67
CA SER B 175 0.28 -28.41 57.31
C SER B 175 -0.73 -29.19 56.50
N VAL B 176 -1.27 -28.54 55.49
CA VAL B 176 -2.18 -29.15 54.58
C VAL B 176 -1.57 -29.14 53.19
N ASN B 177 -1.69 -30.25 52.48
CA ASN B 177 -1.17 -30.28 51.14
C ASN B 177 -2.28 -30.55 50.13
N ALA B 178 -2.38 -29.73 49.09
CA ALA B 178 -3.46 -29.90 48.11
C ALA B 178 -2.86 -30.17 46.71
N THR B 179 -3.23 -31.29 46.11
CA THR B 179 -2.73 -31.55 44.78
C THR B 179 -3.82 -32.00 43.83
N ASN B 180 -3.54 -31.75 42.54
CA ASN B 180 -4.34 -32.28 41.44
C ASN B 180 -3.48 -32.37 40.19
N SER B 181 -4.10 -32.75 39.09
CA SER B 181 -3.35 -33.02 37.88
C SER B 181 -2.58 -31.84 37.34
N VAL B 182 -2.97 -30.60 37.69
CA VAL B 182 -2.22 -29.42 37.21
C VAL B 182 -1.34 -28.65 38.18
N GLY B 183 -1.45 -28.90 39.47
CA GLY B 183 -0.54 -28.25 40.40
C GLY B 183 -0.71 -28.69 41.85
N ARG B 184 0.23 -28.24 42.70
CA ARG B 184 0.12 -28.46 44.13
C ARG B 184 0.39 -27.23 44.98
N ALA B 185 -0.06 -27.28 46.23
CA ALA B 185 0.06 -26.16 47.18
C ALA B 185 0.10 -26.69 48.63
N THR B 186 0.75 -25.93 49.51
CA THR B 186 0.92 -26.32 50.89
C THR B 186 0.83 -25.09 51.78
N SER B 187 0.11 -25.22 52.89
CA SER B 187 -0.01 -24.14 53.83
C SER B 187 0.42 -24.69 55.14
N THR B 188 1.49 -24.16 55.73
CA THR B 188 1.92 -24.66 57.03
C THR B 188 1.80 -23.61 58.12
N ALA B 189 1.35 -24.02 59.30
CA ALA B 189 1.29 -23.11 60.46
C ALA B 189 1.69 -23.83 61.75
N GLU B 190 1.78 -23.07 62.83
CA GLU B 190 2.14 -23.67 64.10
C GLU B 190 1.14 -23.54 65.23
N LEU B 191 1.10 -24.55 66.07
CA LEU B 191 0.16 -24.59 67.18
C LEU B 191 0.90 -24.73 68.49
N LEU B 192 0.69 -23.80 69.40
CA LEU B 192 1.38 -23.87 70.67
C LEU B 192 0.37 -24.00 71.78
N VAL B 193 0.50 -25.08 72.54
CA VAL B 193 -0.44 -25.38 73.62
C VAL B 193 0.26 -25.04 74.91
N GLN B 194 -0.21 -24.00 75.59
CA GLN B 194 0.45 -23.52 76.79
C GLN B 194 0.42 -24.50 77.92
N GLY B 195 1.46 -24.49 78.73
CA GLY B 195 1.48 -25.37 79.87
C GLY B 195 0.88 -24.79 81.15
N GLU B 196 0.92 -25.62 82.18
CA GLU B 196 0.59 -25.26 83.53
C GLU B 196 1.46 -24.06 83.93
N THR B 197 0.99 -23.23 84.86
CA THR B 197 1.74 -22.01 85.18
C THR B 197 1.96 -21.85 86.69
N MET C 1 5.97 -29.90 16.98
CA MET C 1 7.06 -30.88 17.14
C MET C 1 7.25 -31.23 18.62
N ALA C 2 7.84 -30.32 19.38
CA ALA C 2 8.00 -30.59 20.80
C ALA C 2 7.19 -29.62 21.66
N THR C 3 6.21 -30.15 22.37
CA THR C 3 5.44 -29.35 23.30
C THR C 3 6.37 -28.77 24.35
N SER C 4 6.21 -27.48 24.66
CA SER C 4 6.99 -26.88 25.75
C SER C 4 6.11 -26.81 26.98
N GLU C 5 6.70 -27.03 28.15
CA GLU C 5 5.97 -26.97 29.43
C GLU C 5 6.64 -26.04 30.44
N LEU C 6 6.01 -24.89 30.67
CA LEU C 6 6.57 -23.90 31.55
C LEU C 6 5.86 -23.99 32.89
N SER C 7 6.61 -23.94 33.97
CA SER C 7 6.04 -24.04 35.32
C SER C 7 6.34 -22.78 36.10
N SER C 8 5.40 -22.35 36.95
CA SER C 8 5.65 -21.22 37.86
C SER C 8 5.64 -21.70 39.31
N GLU C 9 6.41 -21.03 40.16
CA GLU C 9 6.49 -21.41 41.57
C GLU C 9 6.29 -20.21 42.47
N VAL C 10 5.71 -20.43 43.65
CA VAL C 10 5.69 -19.40 44.69
C VAL C 10 6.06 -20.02 46.01
N SER C 11 6.85 -19.29 46.78
CA SER C 11 7.32 -19.75 48.08
C SER C 11 7.33 -18.53 49.01
N GLU C 12 6.45 -18.53 50.00
CA GLU C 12 6.41 -17.45 50.97
C GLU C 12 6.58 -18.01 52.38
N GLU C 13 7.20 -17.23 53.28
CA GLU C 13 7.33 -17.61 54.68
C GLU C 13 7.15 -16.42 55.62
N ASN C 14 6.65 -16.69 56.82
CA ASN C 14 6.44 -15.65 57.83
C ASN C 14 6.99 -16.10 59.18
N SER C 15 8.08 -15.46 59.61
CA SER C 15 8.76 -15.88 60.84
C SER C 15 8.18 -15.27 62.09
N GLU C 16 7.37 -14.23 61.93
CA GLU C 16 6.69 -13.63 63.06
C GLU C 16 5.62 -14.56 63.57
N ARG C 17 5.02 -15.34 62.68
CA ARG C 17 3.93 -16.25 63.05
C ARG C 17 4.30 -17.70 62.81
N ARG C 18 5.45 -17.93 62.20
CA ARG C 18 5.88 -19.27 61.84
C ARG C 18 4.86 -19.92 60.92
N GLU C 19 4.62 -19.29 59.78
CA GLU C 19 3.68 -19.79 58.79
C GLU C 19 4.42 -19.81 57.47
N ALA C 20 4.14 -20.79 56.62
CA ALA C 20 4.73 -20.83 55.30
C ALA C 20 3.68 -21.22 54.28
N PHE C 21 4.02 -21.10 52.99
CA PHE C 21 3.12 -21.41 51.89
C PHE C 21 3.97 -21.68 50.65
N TRP C 22 3.60 -22.70 49.88
N TRP C 22 3.54 -22.63 49.83
CA TRP C 22 4.29 -23.15 48.66
CA TRP C 22 4.30 -23.02 48.66
C TRP C 22 3.26 -23.27 47.57
C TRP C 22 3.31 -23.46 47.59
N ALA C 23 3.72 -23.39 46.34
CA ALA C 23 2.84 -23.67 45.23
C ALA C 23 3.72 -23.85 44.01
N GLU C 24 3.31 -24.75 43.14
CA GLU C 24 3.96 -24.95 41.86
C GLU C 24 2.92 -25.54 40.95
N TRP C 25 2.92 -25.11 39.69
CA TRP C 25 1.88 -25.55 38.79
C TRP C 25 2.24 -25.45 37.33
N LYS C 26 1.55 -26.21 36.50
CA LYS C 26 1.74 -26.13 35.07
C LYS C 26 1.13 -24.83 34.58
N ASP C 27 1.99 -23.85 34.36
CA ASP C 27 1.50 -22.52 34.05
C ASP C 27 1.18 -22.34 32.58
N LEU C 28 2.18 -22.52 31.74
CA LEU C 28 1.93 -22.35 30.33
C LEU C 28 2.43 -23.53 29.53
N THR C 29 1.57 -24.04 28.67
CA THR C 29 1.93 -25.12 27.78
C THR C 29 1.81 -24.64 26.36
N LEU C 30 2.89 -24.75 25.57
CA LEU C 30 2.91 -24.35 24.16
C LEU C 30 3.08 -25.54 23.19
N SER C 31 2.08 -25.79 22.34
CA SER C 31 2.11 -26.95 21.44
C SER C 31 2.26 -26.58 19.97
N THR C 32 2.81 -27.51 19.20
CA THR C 32 3.02 -27.31 17.78
C THR C 32 2.20 -28.21 16.86
N ARG C 33 1.27 -27.61 16.14
CA ARG C 33 0.44 -28.35 15.22
C ARG C 33 1.19 -28.53 13.92
N PRO C 34 0.97 -29.68 13.27
CA PRO C 34 1.58 -30.00 11.98
C PRO C 34 0.95 -29.16 10.87
N GLU C 35 1.77 -28.67 9.94
CA GLU C 35 1.30 -27.82 8.85
C GLU C 35 0.04 -28.36 8.16
N GLU C 36 -0.07 -29.67 8.06
CA GLU C 36 -1.25 -30.25 7.45
C GLU C 36 -2.47 -29.76 8.22
N GLY C 37 -2.25 -29.21 9.39
CA GLY C 37 -3.36 -28.78 10.22
C GLY C 37 -4.11 -27.58 9.67
N SER C 38 -3.41 -26.70 8.99
CA SER C 38 -4.09 -25.56 8.42
C SER C 38 -3.50 -25.31 7.06
N SER C 39 -4.28 -25.66 6.05
CA SER C 39 -3.82 -25.61 4.68
C SER C 39 -4.85 -24.93 3.81
N LEU C 40 -4.42 -24.53 2.62
CA LEU C 40 -5.26 -23.88 1.65
C LEU C 40 -4.90 -24.44 0.30
N HIS C 41 -5.87 -24.53 -0.58
CA HIS C 41 -5.58 -25.13 -1.87
C HIS C 41 -6.65 -24.83 -2.91
N GLU C 42 -6.20 -24.29 -4.03
CA GLU C 42 -7.09 -23.71 -5.04
C GLU C 42 -6.79 -24.22 -6.46
N GLU C 43 -7.84 -24.56 -7.20
CA GLU C 43 -7.70 -25.00 -8.57
C GLU C 43 -8.50 -24.13 -9.52
N ASP C 44 -7.85 -23.67 -10.59
CA ASP C 44 -8.48 -22.86 -11.60
C ASP C 44 -8.47 -23.64 -12.92
N THR C 45 -9.59 -24.30 -13.21
CA THR C 45 -9.65 -25.20 -14.36
C THR C 45 -9.79 -24.44 -15.68
N GLN C 46 -10.14 -23.17 -15.60
CA GLN C 46 -10.24 -22.32 -16.75
C GLN C 46 -8.86 -21.90 -17.24
N ARG C 47 -7.98 -21.51 -16.31
CA ARG C 47 -6.64 -21.08 -16.64
C ARG C 47 -5.57 -22.11 -16.34
N HIS C 48 -5.98 -23.32 -15.97
CA HIS C 48 -5.04 -24.39 -15.68
C HIS C 48 -3.93 -24.00 -14.72
N GLU C 49 -4.29 -23.39 -13.60
CA GLU C 49 -3.34 -23.00 -12.56
C GLU C 49 -3.78 -23.58 -11.23
N THR C 50 -2.83 -23.99 -10.40
CA THR C 50 -3.17 -24.43 -9.06
C THR C 50 -2.25 -23.76 -8.06
N TYR C 51 -2.74 -23.59 -6.84
CA TYR C 51 -1.94 -23.03 -5.75
C TYR C 51 -2.17 -23.84 -4.52
N HIS C 52 -1.13 -24.06 -3.75
CA HIS C 52 -1.25 -24.81 -2.52
C HIS C 52 -0.32 -24.22 -1.46
N GLN C 53 -0.79 -24.20 -0.22
CA GLN C 53 0.04 -23.79 0.92
C GLN C 53 -0.38 -24.44 2.21
N GLN C 54 0.60 -24.74 3.07
CA GLN C 54 0.31 -25.31 4.37
C GLN C 54 1.32 -24.80 5.39
N GLY C 55 0.93 -24.73 6.66
CA GLY C 55 1.79 -24.14 7.66
C GLY C 55 1.52 -24.60 9.08
N GLN C 56 2.58 -24.65 9.89
CA GLN C 56 2.48 -25.02 11.30
C GLN C 56 1.86 -23.87 12.05
N SER C 57 1.12 -24.20 13.10
CA SER C 57 0.61 -23.21 14.00
C SER C 57 0.86 -23.72 15.41
N GLN C 58 1.33 -22.82 16.27
CA GLN C 58 1.64 -23.13 17.67
C GLN C 58 0.56 -22.60 18.61
N VAL C 59 -0.03 -23.50 19.40
CA VAL C 59 -1.12 -23.09 20.30
C VAL C 59 -0.61 -22.89 21.70
N LEU C 60 -1.17 -21.89 22.36
CA LEU C 60 -0.70 -21.50 23.69
C LEU C 60 -1.85 -21.49 24.70
N VAL C 61 -1.74 -22.34 25.73
CA VAL C 61 -2.79 -22.44 26.74
C VAL C 61 -2.19 -22.15 28.09
N GLN C 62 -2.70 -21.12 28.77
CA GLN C 62 -2.18 -20.76 30.08
C GLN C 62 -3.21 -20.90 31.17
N ARG C 63 -2.76 -21.15 32.41
CA ARG C 63 -3.66 -21.33 33.55
C ARG C 63 -3.07 -20.80 34.84
N SER C 64 -3.89 -20.68 35.88
CA SER C 64 -3.42 -20.18 37.19
C SER C 64 -4.26 -20.64 38.37
N PRO C 65 -3.66 -20.62 39.55
CA PRO C 65 -4.39 -20.98 40.77
C PRO C 65 -5.52 -19.98 41.03
N TRP C 66 -5.40 -18.76 40.54
CA TRP C 66 -6.45 -17.77 40.79
C TRP C 66 -7.68 -17.90 39.89
N LEU C 67 -7.87 -19.07 39.30
CA LEU C 67 -9.07 -19.41 38.52
C LEU C 67 -9.27 -18.55 37.29
N MET C 68 -8.33 -18.62 36.35
CA MET C 68 -8.42 -17.81 35.16
C MET C 68 -7.51 -18.37 34.10
N MET C 69 -8.07 -18.72 32.96
CA MET C 69 -7.29 -19.34 31.88
C MET C 69 -7.05 -18.34 30.75
N ARG C 70 -6.14 -18.72 29.87
CA ARG C 70 -5.76 -17.88 28.74
C ARG C 70 -5.38 -18.80 27.60
N MET C 71 -5.85 -18.53 26.40
CA MET C 71 -5.47 -19.43 25.33
C MET C 71 -5.52 -18.77 23.96
N GLY C 72 -4.80 -19.36 22.99
CA GLY C 72 -4.77 -18.86 21.63
C GLY C 72 -3.66 -19.40 20.75
N ILE C 73 -3.64 -18.95 19.51
CA ILE C 73 -2.60 -19.36 18.56
C ILE C 73 -1.58 -18.28 18.58
N LEU C 74 -0.32 -18.64 18.57
CA LEU C 74 0.64 -17.60 18.79
C LEU C 74 0.86 -16.79 17.55
N GLY C 75 0.38 -15.56 17.57
CA GLY C 75 0.47 -14.71 16.40
C GLY C 75 -0.86 -13.99 16.35
N ARG C 76 -1.88 -14.71 16.80
CA ARG C 76 -3.20 -14.14 16.89
C ARG C 76 -3.31 -13.76 18.32
N GLY C 77 -4.39 -13.11 18.68
CA GLY C 77 -4.55 -12.72 20.06
C GLY C 77 -4.87 -13.86 21.01
N LEU C 78 -4.62 -13.62 22.30
CA LEU C 78 -5.08 -14.50 23.36
C LEU C 78 -6.49 -14.16 23.84
N GLN C 79 -7.19 -15.17 24.32
CA GLN C 79 -8.51 -15.00 24.89
C GLN C 79 -8.44 -15.29 26.39
N GLU C 80 -9.14 -14.51 27.20
CA GLU C 80 -9.12 -14.73 28.65
C GLU C 80 -10.47 -15.19 29.19
N TYR C 81 -10.47 -16.33 29.86
CA TYR C 81 -11.70 -16.86 30.42
C TYR C 81 -11.66 -16.76 31.94
N GLN C 82 -12.83 -16.69 32.56
CA GLN C 82 -12.93 -16.66 34.01
C GLN C 82 -13.37 -18.02 34.49
N LEU C 83 -12.49 -18.77 35.14
CA LEU C 83 -12.89 -20.10 35.57
C LEU C 83 -14.06 -19.95 36.50
N PRO C 84 -14.61 -21.06 36.99
CA PRO C 84 -16.02 -21.25 37.06
C PRO C 84 -16.70 -20.45 35.95
N TYR C 85 -16.51 -20.95 34.72
CA TYR C 85 -16.94 -20.30 33.49
C TYR C 85 -18.44 -20.29 33.22
N GLN C 86 -18.99 -19.08 33.09
CA GLN C 86 -20.43 -18.87 32.90
C GLN C 86 -20.82 -18.59 31.45
N ARG C 87 -21.76 -17.67 31.26
CA ARG C 87 -22.28 -17.34 29.92
C ARG C 87 -22.94 -15.95 29.90
N VAL C 88 -22.78 -15.26 28.78
CA VAL C 88 -23.41 -13.95 28.59
C VAL C 88 -24.30 -13.90 27.36
N GLN D 4 -21.32 1.52 1.19
CA GLN D 4 -20.00 1.97 0.65
C GLN D 4 -19.93 3.49 0.46
N ALA D 5 -18.98 4.11 1.14
CA ALA D 5 -18.77 5.56 1.04
C ALA D 5 -18.40 5.96 -0.40
N PRO D 6 -18.62 7.23 -0.75
CA PRO D 6 -18.39 7.69 -2.12
C PRO D 6 -16.90 7.68 -2.46
N THR D 7 -16.58 7.27 -3.68
CA THR D 7 -15.20 7.25 -4.16
C THR D 7 -15.20 7.50 -5.65
N PHE D 8 -14.25 8.31 -6.12
CA PHE D 8 -14.11 8.58 -7.53
C PHE D 8 -13.34 7.45 -8.19
N THR D 9 -13.92 6.81 -9.19
CA THR D 9 -13.19 5.80 -9.95
C THR D 9 -12.33 6.47 -11.02
N GLN D 10 -12.66 7.72 -11.33
CA GLN D 10 -11.89 8.57 -12.25
C GLN D 10 -12.22 10.03 -11.97
N PRO D 11 -11.30 10.70 -11.28
CA PRO D 11 -11.50 12.08 -10.85
C PRO D 11 -11.46 13.07 -11.99
N LEU D 12 -11.81 14.32 -11.70
CA LEU D 12 -11.80 15.38 -12.70
C LEU D 12 -10.39 15.57 -13.24
N GLN D 13 -10.29 16.04 -14.48
CA GLN D 13 -9.01 16.37 -15.09
C GLN D 13 -8.99 17.84 -15.47
N SER D 14 -7.84 18.49 -15.34
CA SER D 14 -7.71 19.87 -15.75
C SER D 14 -8.04 19.96 -17.23
N VAL D 15 -8.36 21.17 -17.68
CA VAL D 15 -8.75 21.37 -19.06
C VAL D 15 -8.25 22.69 -19.62
N VAL D 16 -7.73 22.66 -20.84
CA VAL D 16 -7.38 23.90 -21.52
C VAL D 16 -8.13 23.98 -22.82
N VAL D 17 -8.61 25.16 -23.19
CA VAL D 17 -9.40 25.25 -24.40
C VAL D 17 -9.54 26.65 -25.01
N LEU D 18 -9.83 26.67 -26.30
CA LEU D 18 -9.92 27.91 -27.06
C LEU D 18 -11.18 28.69 -26.74
N GLU D 19 -11.02 29.97 -26.47
CA GLU D 19 -12.13 30.86 -26.21
C GLU D 19 -13.25 30.71 -27.26
N GLY D 20 -14.50 30.70 -26.79
CA GLY D 20 -15.64 30.58 -27.68
C GLY D 20 -16.04 29.13 -27.93
N SER D 21 -15.31 28.19 -27.33
CA SER D 21 -15.59 26.78 -27.56
C SER D 21 -16.26 26.06 -26.38
N THR D 22 -16.40 24.75 -26.55
CA THR D 22 -17.02 23.86 -25.56
C THR D 22 -15.97 23.29 -24.62
N ALA D 23 -16.25 23.38 -23.32
CA ALA D 23 -15.38 22.79 -22.30
C ALA D 23 -16.13 21.65 -21.63
N THR D 24 -15.41 20.62 -21.20
CA THR D 24 -16.04 19.44 -20.62
C THR D 24 -15.31 18.85 -19.42
N PHE D 25 -15.98 18.84 -18.27
CA PHE D 25 -15.49 18.14 -17.08
C PHE D 25 -16.34 16.88 -16.91
N GLU D 26 -15.73 15.78 -16.48
CA GLU D 26 -16.49 14.56 -16.22
C GLU D 26 -15.77 13.59 -15.30
N ALA D 27 -16.51 12.70 -14.65
CA ALA D 27 -15.94 11.81 -13.66
C ALA D 27 -16.79 10.58 -13.42
N HIS D 28 -16.18 9.56 -12.81
CA HIS D 28 -16.90 8.34 -12.43
C HIS D 28 -16.96 8.24 -10.91
N ILE D 29 -18.17 8.12 -10.37
CA ILE D 29 -18.33 7.98 -8.93
C ILE D 29 -18.98 6.65 -8.60
N SER D 30 -18.35 5.88 -7.71
CA SER D 30 -18.93 4.63 -7.25
C SER D 30 -19.52 4.84 -5.85
N GLY D 31 -20.28 3.87 -5.38
CA GLY D 31 -20.86 3.96 -4.04
C GLY D 31 -22.24 3.38 -3.87
N PHE D 32 -22.76 3.48 -2.65
CA PHE D 32 -24.09 2.97 -2.30
C PHE D 32 -24.49 3.45 -0.90
N PRO D 33 -25.60 4.20 -0.80
CA PRO D 33 -26.43 4.61 -1.94
C PRO D 33 -25.72 5.59 -2.88
N VAL D 34 -26.36 5.90 -4.01
CA VAL D 34 -25.80 6.85 -4.97
C VAL D 34 -25.72 8.26 -4.37
N PRO D 35 -24.51 8.83 -4.43
CA PRO D 35 -24.17 10.13 -3.85
C PRO D 35 -25.05 11.31 -4.26
N GLU D 36 -25.03 12.33 -3.41
CA GLU D 36 -25.63 13.62 -3.68
C GLU D 36 -24.56 14.45 -4.36
N VAL D 37 -24.78 14.81 -5.63
CA VAL D 37 -23.78 15.52 -6.42
C VAL D 37 -24.11 17.00 -6.63
N SER D 38 -23.07 17.82 -6.66
CA SER D 38 -23.22 19.25 -6.94
C SER D 38 -21.85 19.84 -7.36
N TRP D 39 -21.88 20.74 -8.34
CA TRP D 39 -20.64 21.31 -8.88
C TRP D 39 -20.39 22.71 -8.32
N PHE D 40 -19.19 22.93 -7.81
CA PHE D 40 -18.85 24.24 -7.25
C PHE D 40 -17.85 24.90 -8.17
N ARG D 41 -17.86 26.24 -8.17
CA ARG D 41 -16.85 27.00 -8.89
C ARG D 41 -16.23 28.07 -7.99
N ASP D 42 -14.91 27.99 -7.81
CA ASP D 42 -14.18 28.95 -7.01
C ASP D 42 -14.83 29.12 -5.64
N GLY D 43 -15.07 28.03 -4.94
CA GLY D 43 -15.72 28.08 -3.64
C GLY D 43 -17.23 28.23 -3.72
N GLN D 44 -17.70 28.87 -4.77
CA GLN D 44 -19.13 29.14 -4.92
C GLN D 44 -19.85 28.07 -5.73
N VAL D 45 -21.01 27.62 -5.23
CA VAL D 45 -21.82 26.62 -5.92
C VAL D 45 -22.17 27.01 -7.36
N ILE D 46 -22.55 26.02 -8.16
CA ILE D 46 -22.86 26.25 -9.57
C ILE D 46 -24.36 26.25 -9.87
N SER D 47 -24.78 27.16 -10.74
CA SER D 47 -26.21 27.37 -11.03
C SER D 47 -26.44 28.20 -12.28
N THR D 48 -27.68 28.15 -12.77
CA THR D 48 -28.07 28.84 -13.99
C THR D 48 -27.81 30.36 -13.97
N SER D 49 -27.78 30.96 -12.78
CA SER D 49 -27.53 32.40 -12.70
C SER D 49 -26.05 32.80 -12.83
N THR D 50 -25.15 32.03 -12.23
CA THR D 50 -23.74 32.36 -12.24
C THR D 50 -23.04 31.86 -13.51
N LEU D 51 -23.61 30.85 -14.15
CA LEU D 51 -23.04 30.29 -15.39
C LEU D 51 -24.11 29.92 -16.41
N PRO D 52 -24.79 30.95 -16.93
CA PRO D 52 -25.91 30.79 -17.88
C PRO D 52 -25.51 29.93 -19.07
N GLY D 53 -26.29 28.89 -19.33
CA GLY D 53 -25.99 27.98 -20.43
C GLY D 53 -25.43 26.64 -20.00
N VAL D 54 -24.64 26.62 -18.93
CA VAL D 54 -24.04 25.36 -18.50
C VAL D 54 -25.04 24.23 -18.66
N GLN D 55 -24.55 23.01 -18.58
CA GLN D 55 -25.39 21.83 -18.72
C GLN D 55 -24.81 20.71 -17.87
N ILE D 56 -25.62 20.16 -16.98
CA ILE D 56 -25.13 19.17 -16.03
C ILE D 56 -25.92 17.87 -16.13
N SER D 57 -25.35 16.78 -15.61
CA SER D 57 -26.03 15.49 -15.63
C SER D 57 -25.23 14.45 -14.86
N PHE D 58 -25.94 13.62 -14.10
CA PHE D 58 -25.30 12.49 -13.41
C PHE D 58 -26.13 11.22 -13.55
N SER D 59 -25.63 10.26 -14.32
CA SER D 59 -26.32 9.00 -14.54
C SER D 59 -25.36 7.82 -14.59
N ASP D 60 -25.79 6.70 -14.01
CA ASP D 60 -25.01 5.47 -13.96
C ASP D 60 -23.55 5.73 -13.58
N GLY D 61 -23.35 6.38 -12.43
CA GLY D 61 -22.02 6.64 -11.93
C GLY D 61 -21.21 7.63 -12.73
N ARG D 62 -21.81 8.18 -13.79
CA ARG D 62 -21.13 9.14 -14.65
C ARG D 62 -21.69 10.56 -14.48
N ALA D 63 -20.86 11.47 -14.01
CA ALA D 63 -21.28 12.88 -13.84
C ALA D 63 -20.53 13.76 -14.83
N LYS D 64 -21.22 14.74 -15.41
CA LYS D 64 -20.62 15.62 -16.41
C LYS D 64 -21.10 17.07 -16.38
N LEU D 65 -20.16 18.00 -16.58
CA LEU D 65 -20.48 19.42 -16.68
C LEU D 65 -19.89 19.98 -17.97
N THR D 66 -20.75 20.56 -18.80
CA THR D 66 -20.37 21.07 -20.10
C THR D 66 -20.69 22.56 -20.21
N ILE D 67 -19.70 23.36 -20.57
CA ILE D 67 -19.93 24.79 -20.75
C ILE D 67 -19.93 25.13 -22.24
N PRO D 68 -20.93 25.89 -22.66
CA PRO D 68 -21.24 26.12 -24.09
C PRO D 68 -20.12 26.81 -24.82
N ALA D 69 -20.08 28.13 -24.68
CA ALA D 69 -19.00 28.93 -25.24
C ALA D 69 -18.30 29.56 -24.06
N VAL D 70 -17.18 28.99 -23.68
CA VAL D 70 -16.45 29.48 -22.54
C VAL D 70 -15.95 30.87 -22.85
N THR D 71 -15.71 31.67 -21.83
CA THR D 71 -15.06 32.97 -22.02
C THR D 71 -14.00 33.11 -20.96
N LYS D 72 -12.96 33.88 -21.25
CA LYS D 72 -11.85 34.08 -20.30
C LYS D 72 -12.33 34.13 -18.85
N ALA D 73 -13.46 34.80 -18.62
CA ALA D 73 -14.04 34.88 -17.28
C ALA D 73 -14.33 33.51 -16.64
N ASN D 74 -14.57 32.50 -17.48
CA ASN D 74 -14.93 31.16 -16.98
C ASN D 74 -13.78 30.38 -16.34
N SER D 75 -12.55 30.84 -16.55
CA SER D 75 -11.36 30.19 -16.00
C SER D 75 -11.39 30.15 -14.49
N GLY D 76 -10.86 29.08 -13.92
CA GLY D 76 -10.85 28.92 -12.47
C GLY D 76 -10.80 27.46 -12.03
N ARG D 77 -11.29 27.21 -10.82
CA ARG D 77 -11.27 25.88 -10.21
C ARG D 77 -12.66 25.27 -10.14
N TYR D 78 -12.79 24.03 -10.58
CA TYR D 78 -14.06 23.32 -10.57
C TYR D 78 -13.99 22.09 -9.68
N SER D 79 -14.92 22.04 -8.73
CA SER D 79 -14.95 20.98 -7.74
C SER D 79 -16.25 20.22 -7.83
N LEU D 80 -16.16 18.90 -7.73
CA LEU D 80 -17.31 18.01 -7.76
C LEU D 80 -17.37 17.36 -6.40
N LYS D 81 -18.47 17.59 -5.67
CA LYS D 81 -18.66 16.97 -4.37
C LYS D 81 -19.73 15.90 -4.43
N ALA D 82 -19.51 14.79 -3.72
CA ALA D 82 -20.47 13.70 -3.67
C ALA D 82 -20.61 13.19 -2.24
N THR D 83 -21.84 13.17 -1.74
CA THR D 83 -22.06 12.76 -0.36
C THR D 83 -23.07 11.62 -0.22
N ASN D 84 -23.08 11.04 0.97
CA ASN D 84 -24.07 10.03 1.33
C ASN D 84 -23.92 9.68 2.81
N GLY D 85 -24.68 8.71 3.28
CA GLY D 85 -24.65 8.32 4.68
C GLY D 85 -23.27 7.95 5.22
N SER D 86 -22.51 7.20 4.45
CA SER D 86 -21.22 6.67 4.90
C SER D 86 -20.01 7.61 4.78
N GLY D 87 -20.13 8.65 3.95
CA GLY D 87 -19.04 9.61 3.80
C GLY D 87 -19.20 10.58 2.63
N GLN D 88 -18.09 11.18 2.22
CA GLN D 88 -18.10 12.13 1.11
C GLN D 88 -16.76 12.16 0.40
N ALA D 89 -16.76 12.72 -0.81
CA ALA D 89 -15.55 12.86 -1.61
C ALA D 89 -15.59 14.13 -2.46
N THR D 90 -14.42 14.69 -2.75
CA THR D 90 -14.34 15.94 -3.52
C THR D 90 -13.22 15.89 -4.56
N SER D 91 -13.54 16.14 -5.83
CA SER D 91 -12.53 16.21 -6.88
C SER D 91 -12.42 17.60 -7.48
N THR D 92 -11.22 18.16 -7.49
CA THR D 92 -11.00 19.51 -7.98
C THR D 92 -10.11 19.56 -9.22
N ALA D 93 -10.35 20.52 -10.10
CA ALA D 93 -9.55 20.67 -11.31
C ALA D 93 -9.65 22.10 -11.86
N GLU D 94 -8.95 22.37 -12.96
CA GLU D 94 -8.87 23.73 -13.46
C GLU D 94 -9.19 23.88 -14.93
N LEU D 95 -9.99 24.90 -15.21
CA LEU D 95 -10.34 25.25 -16.57
C LEU D 95 -9.52 26.48 -16.92
N LEU D 96 -8.81 26.41 -18.03
CA LEU D 96 -8.00 27.53 -18.47
C LEU D 96 -8.39 27.89 -19.90
N VAL D 97 -8.89 29.11 -20.07
CA VAL D 97 -9.36 29.58 -21.36
C VAL D 97 -8.31 30.45 -22.05
N LYS D 98 -7.80 29.98 -23.19
CA LYS D 98 -6.86 30.74 -24.02
C LYS D 98 -7.55 31.51 -25.15
N ALA D 99 -6.94 32.61 -25.60
CA ALA D 99 -7.47 33.38 -26.74
C ALA D 99 -6.79 32.91 -28.01
N GLU D 100 -7.55 32.84 -29.10
CA GLU D 100 -7.01 32.44 -30.39
C GLU D 100 -5.85 33.35 -30.75
N THR D 101 -4.74 32.78 -31.25
CA THR D 101 -3.59 33.57 -31.71
C THR D 101 -2.89 32.98 -32.94
N ALA D 102 -2.26 33.86 -33.72
CA ALA D 102 -1.57 33.45 -34.94
C ALA D 102 -0.45 34.41 -35.30
N PRO D 103 0.71 33.86 -35.63
CA PRO D 103 1.84 34.70 -36.06
C PRO D 103 1.47 35.51 -37.30
N PRO D 104 2.09 36.68 -37.45
CA PRO D 104 1.90 37.47 -38.66
C PRO D 104 2.07 36.57 -39.87
N ASN D 105 1.26 36.76 -40.90
CA ASN D 105 1.45 36.05 -42.14
C ASN D 105 1.25 36.98 -43.32
N PHE D 106 2.16 36.93 -44.27
CA PHE D 106 2.05 37.71 -45.48
C PHE D 106 1.28 36.94 -46.54
N VAL D 107 0.03 37.32 -46.78
CA VAL D 107 -0.77 36.64 -47.78
C VAL D 107 -0.37 37.11 -49.16
N GLN D 108 0.10 38.36 -49.26
CA GLN D 108 0.66 38.92 -50.50
C GLN D 108 1.98 39.59 -50.11
N ARG D 109 3.08 39.10 -50.67
CA ARG D 109 4.40 39.63 -50.35
C ARG D 109 4.83 40.75 -51.28
N LEU D 110 5.81 41.52 -50.85
CA LEU D 110 6.33 42.60 -51.66
C LEU D 110 6.87 42.05 -52.99
N GLN D 111 7.02 42.91 -53.99
CA GLN D 111 7.46 42.42 -55.30
C GLN D 111 8.48 43.34 -55.95
N SER D 112 9.66 42.82 -56.27
CA SER D 112 10.69 43.60 -56.95
C SER D 112 10.12 44.17 -58.24
N MET D 113 10.32 45.47 -58.47
CA MET D 113 9.93 46.06 -59.73
C MET D 113 10.92 47.10 -60.25
N THR D 114 11.15 47.10 -61.56
CA THR D 114 12.01 48.07 -62.21
C THR D 114 11.14 49.01 -63.03
N VAL D 115 11.26 50.32 -62.80
CA VAL D 115 10.40 51.24 -63.51
C VAL D 115 11.10 52.47 -64.08
N ARG D 116 10.30 53.41 -64.58
CA ARG D 116 10.81 54.61 -65.25
C ARG D 116 10.79 55.85 -64.37
N GLN D 117 11.91 56.56 -64.35
CA GLN D 117 11.98 57.87 -63.68
C GLN D 117 10.68 58.65 -63.92
N GLY D 118 10.16 59.28 -62.87
CA GLY D 118 8.92 60.06 -63.00
C GLY D 118 7.66 59.21 -62.85
N SER D 119 7.82 57.91 -62.67
CA SER D 119 6.69 57.01 -62.52
C SER D 119 6.10 57.06 -61.12
N GLN D 120 4.83 56.69 -61.04
CA GLN D 120 4.12 56.48 -59.77
C GLN D 120 4.29 55.02 -59.41
N VAL D 121 4.87 54.74 -58.25
CA VAL D 121 5.06 53.35 -57.86
C VAL D 121 4.24 53.01 -56.62
N ARG D 122 3.90 51.74 -56.46
CA ARG D 122 3.01 51.33 -55.39
C ARG D 122 3.32 49.94 -54.88
N LEU D 123 4.12 49.86 -53.83
CA LEU D 123 4.45 48.58 -53.22
C LEU D 123 3.39 48.17 -52.21
N GLN D 124 2.73 47.03 -52.44
CA GLN D 124 1.76 46.55 -51.47
C GLN D 124 1.87 45.09 -51.01
N VAL D 125 1.53 44.89 -49.73
CA VAL D 125 1.52 43.58 -49.09
C VAL D 125 0.16 43.36 -48.46
N ARG D 126 -0.07 42.14 -48.00
CA ARG D 126 -1.30 41.75 -47.31
C ARG D 126 -0.87 40.92 -46.12
N VAL D 127 -1.28 41.30 -44.92
CA VAL D 127 -0.78 40.70 -43.69
C VAL D 127 -1.88 40.34 -42.72
N THR D 128 -1.82 39.12 -42.15
CA THR D 128 -2.81 38.71 -41.14
C THR D 128 -2.10 38.42 -39.85
N GLY D 129 -2.86 38.43 -38.75
CA GLY D 129 -2.33 38.11 -37.43
C GLY D 129 -3.29 38.38 -36.26
N ILE D 130 -3.09 37.64 -35.18
CA ILE D 130 -3.94 37.82 -34.01
C ILE D 130 -3.06 37.64 -32.81
N PRO D 131 -2.84 38.71 -32.03
CA PRO D 131 -3.39 40.04 -32.27
C PRO D 131 -2.89 40.72 -33.56
N THR D 132 -3.57 41.79 -33.91
CA THR D 132 -3.25 42.55 -35.11
C THR D 132 -1.84 43.08 -35.16
N PRO D 133 -1.09 42.62 -36.17
CA PRO D 133 0.32 42.97 -36.30
C PRO D 133 0.50 44.46 -36.42
N VAL D 134 1.65 44.97 -35.98
CA VAL D 134 2.05 46.33 -36.25
C VAL D 134 2.96 46.24 -37.46
N VAL D 135 2.58 46.94 -38.51
CA VAL D 135 3.30 46.87 -39.77
C VAL D 135 4.03 48.16 -40.08
N LYS D 136 5.30 48.06 -40.44
CA LYS D 136 6.11 49.23 -40.73
C LYS D 136 6.84 49.05 -42.05
N PHE D 137 7.13 50.17 -42.71
CA PHE D 137 7.87 50.12 -43.97
C PHE D 137 9.29 50.65 -43.81
N TYR D 138 10.18 50.11 -44.63
CA TYR D 138 11.59 50.42 -44.54
C TYR D 138 12.26 50.54 -45.91
N ARG D 139 13.22 51.46 -46.01
CA ARG D 139 14.14 51.52 -47.15
C ARG D 139 15.56 51.29 -46.68
N ASP D 140 16.20 50.25 -47.21
CA ASP D 140 17.57 49.93 -46.82
C ASP D 140 17.83 50.05 -45.32
N GLY D 141 16.88 49.60 -44.50
CA GLY D 141 17.08 49.56 -43.07
C GLY D 141 16.57 50.77 -42.31
N ALA D 142 16.22 51.82 -43.02
CA ALA D 142 15.68 53.04 -42.40
C ALA D 142 14.17 53.07 -42.53
N GLU D 143 13.46 53.23 -41.41
CA GLU D 143 11.99 53.25 -41.42
C GLU D 143 11.49 54.43 -42.22
N ILE D 144 10.50 54.19 -43.09
CA ILE D 144 9.91 55.25 -43.91
C ILE D 144 8.74 55.90 -43.23
N GLN D 145 8.74 57.22 -43.18
CA GLN D 145 7.72 57.99 -42.51
C GLN D 145 6.71 58.46 -43.52
N SER D 146 5.46 58.09 -43.35
CA SER D 146 4.41 58.49 -44.30
C SER D 146 4.35 59.99 -44.58
N SER D 147 4.19 60.32 -45.85
CA SER D 147 4.09 61.71 -46.25
C SER D 147 3.51 61.83 -47.66
N LEU D 148 3.34 63.07 -48.12
CA LEU D 148 2.79 63.30 -49.43
C LEU D 148 3.60 62.62 -50.53
N ASP D 149 4.91 62.59 -50.36
CA ASP D 149 5.74 61.95 -51.37
C ASP D 149 5.79 60.45 -51.20
N PHE D 150 5.66 59.99 -49.97
CA PHE D 150 5.62 58.56 -49.69
C PHE D 150 4.39 58.27 -48.85
N GLN D 151 3.29 57.99 -49.53
CA GLN D 151 2.00 57.85 -48.90
C GLN D 151 1.74 56.42 -48.40
N ILE D 152 1.68 56.25 -47.08
CA ILE D 152 1.35 54.95 -46.52
C ILE D 152 -0.10 54.95 -46.10
N SER D 153 -0.82 53.90 -46.47
CA SER D 153 -2.22 53.80 -46.13
C SER D 153 -2.60 52.36 -45.85
N GLN D 154 -3.62 52.16 -45.03
CA GLN D 154 -4.09 50.81 -44.73
C GLN D 154 -5.53 50.66 -45.18
N GLU D 155 -5.84 49.49 -45.73
CA GLU D 155 -7.19 49.23 -46.20
C GLU D 155 -7.59 47.80 -45.84
N GLY D 156 -8.19 47.65 -44.66
CA GLY D 156 -8.45 46.31 -44.15
C GLY D 156 -7.12 45.69 -43.83
N ASP D 157 -6.81 44.55 -44.42
CA ASP D 157 -5.50 43.98 -44.16
C ASP D 157 -4.55 44.18 -45.34
N LEU D 158 -4.86 45.20 -46.14
CA LEU D 158 -4.02 45.59 -47.25
C LEU D 158 -3.25 46.87 -46.90
N TYR D 159 -1.91 46.78 -46.91
CA TYR D 159 -1.03 47.91 -46.57
C TYR D 159 -0.31 48.41 -47.82
N SER D 160 -0.30 49.73 -48.03
CA SER D 160 0.26 50.30 -49.26
C SER D 160 1.22 51.46 -49.03
N LEU D 161 2.23 51.53 -49.91
CA LEU D 161 3.16 52.62 -49.94
C LEU D 161 3.06 53.16 -51.34
N LEU D 162 2.68 54.43 -51.43
CA LEU D 162 2.56 55.07 -52.72
C LEU D 162 3.70 56.05 -52.90
N ILE D 163 4.59 55.77 -53.85
CA ILE D 163 5.60 56.74 -54.22
C ILE D 163 5.08 57.57 -55.37
N ALA D 164 4.75 58.82 -55.10
CA ALA D 164 4.17 59.69 -56.11
C ALA D 164 5.03 59.82 -57.35
N GLU D 165 6.31 60.12 -57.16
CA GLU D 165 7.25 60.31 -58.25
C GLU D 165 8.59 59.69 -57.93
N ALA D 166 8.90 58.57 -58.57
CA ALA D 166 10.12 57.86 -58.25
C ALA D 166 11.31 58.43 -59.02
N TYR D 167 12.48 58.34 -58.39
CA TYR D 167 13.75 58.74 -58.97
C TYR D 167 14.80 57.71 -58.63
N PRO D 168 15.96 57.81 -59.28
CA PRO D 168 17.02 56.84 -59.04
C PRO D 168 17.40 56.81 -57.57
N GLU D 169 17.29 57.95 -56.90
CA GLU D 169 17.66 58.01 -55.50
C GLU D 169 16.71 57.19 -54.64
N ASP D 170 15.56 56.83 -55.19
CA ASP D 170 14.57 56.04 -54.47
C ASP D 170 14.88 54.56 -54.58
N SER D 171 15.77 54.20 -55.49
CA SER D 171 16.09 52.80 -55.71
C SER D 171 16.73 52.24 -54.45
N GLY D 172 16.56 50.94 -54.25
CA GLY D 172 17.10 50.26 -53.08
C GLY D 172 16.31 49.04 -52.68
N THR D 173 16.59 48.54 -51.48
CA THR D 173 15.86 47.40 -50.92
C THR D 173 14.77 47.88 -49.99
N TYR D 174 13.52 47.62 -50.35
CA TYR D 174 12.42 48.00 -49.46
C TYR D 174 12.01 46.75 -48.72
N SER D 175 11.60 46.92 -47.48
CA SER D 175 11.15 45.79 -46.69
C SER D 175 9.99 46.22 -45.82
N VAL D 176 9.19 45.25 -45.40
CA VAL D 176 8.06 45.51 -44.52
C VAL D 176 8.18 44.50 -43.38
N ASN D 177 8.01 45.02 -42.16
CA ASN D 177 8.13 44.18 -40.99
C ASN D 177 6.80 44.15 -40.27
N ALA D 178 6.33 42.96 -39.92
CA ALA D 178 5.10 42.84 -39.13
C ALA D 178 5.36 41.99 -37.90
N THR D 179 5.08 42.56 -36.74
CA THR D 179 5.32 41.85 -35.50
C THR D 179 4.09 41.88 -34.60
N ASN D 180 4.01 40.89 -33.71
CA ASN D 180 2.97 40.81 -32.69
C ASN D 180 3.46 39.93 -31.55
N SER D 181 2.64 39.74 -30.53
CA SER D 181 3.12 39.11 -29.31
C SER D 181 3.52 37.67 -29.50
N VAL D 182 3.11 37.06 -30.60
CA VAL D 182 3.47 35.67 -30.78
C VAL D 182 4.41 35.41 -31.95
N GLY D 183 4.74 36.45 -32.71
CA GLY D 183 5.69 36.27 -33.78
C GLY D 183 5.94 37.46 -34.68
N ARG D 184 6.79 37.27 -35.69
CA ARG D 184 7.02 38.30 -36.68
C ARG D 184 7.44 37.76 -38.02
N ALA D 185 7.18 38.55 -39.06
CA ALA D 185 7.52 38.16 -40.42
C ALA D 185 8.07 39.36 -41.16
N THR D 186 8.91 39.08 -42.16
CA THR D 186 9.52 40.16 -42.94
C THR D 186 9.59 39.83 -44.42
N SER D 187 9.23 40.79 -45.25
CA SER D 187 9.22 40.63 -46.68
C SER D 187 9.98 41.77 -47.29
N THR D 188 10.96 41.44 -48.13
CA THR D 188 11.79 42.46 -48.73
C THR D 188 11.87 42.23 -50.22
N ALA D 189 11.96 43.34 -50.95
CA ALA D 189 12.09 43.32 -52.38
C ALA D 189 12.96 44.50 -52.83
N GLU D 190 13.17 44.59 -54.14
CA GLU D 190 14.08 45.57 -54.65
C GLU D 190 13.40 46.45 -55.68
N LEU D 191 13.60 47.75 -55.58
CA LEU D 191 13.00 48.67 -56.51
C LEU D 191 14.11 49.34 -57.29
N LEU D 192 14.05 49.24 -58.61
CA LEU D 192 15.05 49.86 -59.46
C LEU D 192 14.37 50.94 -60.28
N VAL D 193 14.90 52.15 -60.20
CA VAL D 193 14.38 53.28 -60.94
C VAL D 193 15.38 53.75 -62.00
N GLN D 194 15.08 53.47 -63.27
CA GLN D 194 15.96 53.82 -64.37
C GLN D 194 15.79 55.28 -64.77
N THR E 2 7.43 29.22 -64.35
CA THR E 2 8.45 28.59 -65.25
C THR E 2 9.68 28.17 -64.47
N THR E 3 10.44 29.15 -63.98
CA THR E 3 11.64 28.88 -63.19
C THR E 3 11.42 29.40 -61.78
N GLN E 4 10.73 28.62 -60.96
CA GLN E 4 10.26 29.09 -59.66
C GLN E 4 11.10 28.61 -58.48
N ALA E 5 11.59 29.56 -57.68
CA ALA E 5 12.40 29.26 -56.51
C ALA E 5 11.58 28.46 -55.50
N PRO E 6 12.26 27.64 -54.68
CA PRO E 6 11.60 26.75 -53.73
C PRO E 6 10.88 27.52 -52.63
N THR E 7 9.68 27.08 -52.28
CA THR E 7 8.92 27.72 -51.21
C THR E 7 8.08 26.71 -50.46
N PHE E 8 8.07 26.83 -49.13
CA PHE E 8 7.30 25.92 -48.31
C PHE E 8 5.83 26.21 -48.42
N THR E 9 5.10 25.22 -48.91
CA THR E 9 3.67 25.27 -48.95
C THR E 9 3.14 25.23 -47.52
N GLN E 10 3.85 24.51 -46.65
CA GLN E 10 3.49 24.45 -45.24
C GLN E 10 4.72 24.04 -44.43
N PRO E 11 5.20 24.96 -43.59
CA PRO E 11 6.42 24.78 -42.81
C PRO E 11 6.44 23.54 -41.92
N LEU E 12 7.59 23.26 -41.33
CA LEU E 12 7.66 22.22 -40.35
C LEU E 12 6.91 22.70 -39.13
N GLN E 13 6.49 21.76 -38.28
CA GLN E 13 5.78 22.09 -37.05
C GLN E 13 6.43 21.37 -35.90
N SER E 14 6.62 22.08 -34.79
CA SER E 14 7.21 21.49 -33.62
C SER E 14 6.33 20.35 -33.10
N VAL E 15 6.94 19.31 -32.53
CA VAL E 15 6.18 18.21 -31.94
C VAL E 15 6.65 17.80 -30.55
N VAL E 16 5.70 17.32 -29.76
CA VAL E 16 5.97 16.85 -28.41
C VAL E 16 5.54 15.40 -28.40
N VAL E 17 6.44 14.51 -27.98
CA VAL E 17 6.13 13.08 -28.03
C VAL E 17 6.71 12.29 -26.85
N LEU E 18 6.13 11.13 -26.62
CA LEU E 18 6.49 10.36 -25.47
C LEU E 18 7.72 9.52 -25.75
N GLU E 19 8.74 9.68 -24.92
CA GLU E 19 9.94 8.89 -25.06
C GLU E 19 9.54 7.46 -25.39
N GLY E 20 10.13 6.90 -26.43
CA GLY E 20 9.80 5.54 -26.85
C GLY E 20 8.84 5.42 -28.00
N SER E 21 8.19 6.52 -28.36
CA SER E 21 7.24 6.52 -29.47
C SER E 21 7.83 7.07 -30.78
N THR E 22 7.02 7.08 -31.82
CA THR E 22 7.43 7.61 -33.11
C THR E 22 7.19 9.13 -33.21
N ALA E 23 8.08 9.84 -33.90
CA ALA E 23 7.91 11.29 -34.16
C ALA E 23 8.08 11.56 -35.65
N THR E 24 7.35 12.54 -36.15
CA THR E 24 7.37 12.82 -37.58
C THR E 24 7.27 14.31 -37.92
N PHE E 25 8.27 14.81 -38.65
CA PHE E 25 8.22 16.17 -39.12
C PHE E 25 7.70 16.07 -40.53
N GLU E 26 6.76 16.93 -40.87
CA GLU E 26 6.21 16.91 -42.22
C GLU E 26 6.17 18.31 -42.83
N ALA E 27 6.43 18.36 -44.14
CA ALA E 27 6.43 19.61 -44.87
C ALA E 27 6.05 19.38 -46.34
N HIS E 28 5.48 20.40 -46.96
CA HIS E 28 5.14 20.35 -48.37
C HIS E 28 5.92 21.43 -49.09
N ILE E 29 6.36 21.14 -50.31
CA ILE E 29 7.32 22.01 -50.98
C ILE E 29 7.01 22.20 -52.46
N SER E 30 7.40 23.35 -52.99
CA SER E 30 7.21 23.65 -54.40
C SER E 30 8.53 24.13 -54.98
N GLY E 31 8.57 24.28 -56.30
CA GLY E 31 9.77 24.78 -56.96
C GLY E 31 10.02 24.08 -58.27
N PHE E 32 10.94 24.64 -59.06
CA PHE E 32 11.29 24.06 -60.34
C PHE E 32 12.55 24.73 -60.89
N PRO E 33 13.57 23.91 -61.20
CA PRO E 33 13.51 22.45 -61.07
C PRO E 33 13.28 22.01 -59.63
N VAL E 34 12.73 20.82 -59.43
CA VAL E 34 12.47 20.32 -58.09
C VAL E 34 13.72 20.45 -57.21
N PRO E 35 13.53 21.00 -56.01
CA PRO E 35 14.62 21.21 -55.05
C PRO E 35 15.39 19.96 -54.63
N GLU E 36 16.65 20.16 -54.26
CA GLU E 36 17.43 19.15 -53.57
C GLU E 36 17.04 19.38 -52.13
N VAL E 37 16.83 18.29 -51.39
CA VAL E 37 16.35 18.38 -50.02
C VAL E 37 17.34 17.75 -49.06
N SER E 38 17.44 18.27 -47.85
CA SER E 38 18.34 17.72 -46.83
C SER E 38 17.98 18.18 -45.41
N TRP E 39 18.27 17.33 -44.42
CA TRP E 39 17.88 17.59 -43.03
C TRP E 39 19.04 17.77 -42.06
N PHE E 40 18.81 18.50 -40.97
CA PHE E 40 19.85 18.80 -40.00
C PHE E 40 19.33 18.72 -38.58
N ARG E 41 20.19 18.28 -37.66
CA ARG E 41 19.89 18.42 -36.24
C ARG E 41 20.90 19.37 -35.60
N ASP E 42 20.38 20.43 -34.98
CA ASP E 42 21.20 21.45 -34.33
C ASP E 42 22.34 21.91 -35.25
N GLY E 43 22.02 22.13 -36.52
CA GLY E 43 23.01 22.60 -37.48
C GLY E 43 23.83 21.51 -38.13
N GLN E 44 23.89 20.33 -37.52
CA GLN E 44 24.59 19.20 -38.09
C GLN E 44 23.73 18.44 -39.09
N VAL E 45 24.32 18.04 -40.20
CA VAL E 45 23.62 17.30 -41.23
C VAL E 45 23.17 15.94 -40.69
N ILE E 46 22.07 15.42 -41.24
CA ILE E 46 21.49 14.17 -40.77
C ILE E 46 21.73 12.99 -41.71
N SER E 47 22.27 11.89 -41.16
CA SER E 47 22.46 10.65 -41.91
C SER E 47 22.19 9.43 -41.03
N THR E 48 22.07 8.25 -41.67
CA THR E 48 21.86 7.02 -40.91
C THR E 48 23.04 6.72 -40.00
N SER E 49 24.11 7.48 -40.11
CA SER E 49 25.24 7.34 -39.19
C SER E 49 25.04 8.11 -37.89
N THR E 50 24.26 9.19 -37.95
CA THR E 50 24.01 10.03 -36.79
C THR E 50 22.70 9.65 -36.10
N LEU E 51 21.80 9.01 -36.84
CA LEU E 51 20.48 8.66 -36.28
C LEU E 51 19.97 7.32 -36.83
N PRO E 52 20.54 6.22 -36.33
CA PRO E 52 20.16 4.88 -36.78
C PRO E 52 18.64 4.71 -36.82
N GLY E 53 18.14 4.07 -37.88
CA GLY E 53 16.70 3.82 -38.03
C GLY E 53 15.86 4.98 -38.55
N VAL E 54 16.47 6.13 -38.84
CA VAL E 54 15.71 7.24 -39.42
C VAL E 54 15.09 6.81 -40.73
N GLN E 55 13.86 7.26 -40.99
CA GLN E 55 13.22 7.03 -42.27
C GLN E 55 12.98 8.37 -42.92
N ILE E 56 13.70 8.61 -44.01
CA ILE E 56 13.55 9.85 -44.76
C ILE E 56 12.97 9.53 -46.12
N SER E 57 12.03 10.36 -46.56
CA SER E 57 11.48 10.24 -47.91
C SER E 57 11.28 11.62 -48.51
N PHE E 58 11.35 11.69 -49.84
CA PHE E 58 11.21 12.95 -50.54
C PHE E 58 10.67 12.73 -51.94
N SER E 59 9.36 12.87 -52.08
CA SER E 59 8.70 12.63 -53.36
C SER E 59 7.30 13.21 -53.36
N ASP E 60 6.82 13.60 -54.55
CA ASP E 60 5.50 14.20 -54.70
C ASP E 60 5.37 15.55 -54.00
N GLY E 61 6.50 16.26 -53.89
CA GLY E 61 6.53 17.55 -53.25
C GLY E 61 6.45 17.45 -51.73
N ARG E 62 6.30 16.22 -51.24
CA ARG E 62 6.17 15.97 -49.82
C ARG E 62 7.42 15.32 -49.23
N ALA E 63 8.06 16.02 -48.31
CA ALA E 63 9.26 15.51 -47.64
C ALA E 63 8.91 15.08 -46.23
N LYS E 64 9.38 13.88 -45.84
CA LYS E 64 9.11 13.35 -44.52
C LYS E 64 10.36 12.83 -43.83
N LEU E 65 10.42 13.02 -42.52
CA LEU E 65 11.47 12.46 -41.69
C LEU E 65 10.80 11.85 -40.46
N THR E 66 10.97 10.54 -40.29
CA THR E 66 10.33 9.82 -39.19
C THR E 66 11.30 9.10 -38.28
N ILE E 67 11.06 9.20 -36.98
CA ILE E 67 11.88 8.52 -35.99
C ILE E 67 11.01 7.51 -35.24
N PRO E 68 11.17 6.23 -35.58
CA PRO E 68 10.35 5.13 -35.05
C PRO E 68 10.27 5.04 -33.53
N ALA E 69 11.41 5.13 -32.85
CA ALA E 69 11.42 5.14 -31.38
C ALA E 69 12.36 6.23 -30.86
N VAL E 70 11.79 7.35 -30.41
CA VAL E 70 12.59 8.48 -30.01
C VAL E 70 13.20 8.31 -28.63
N THR E 71 14.41 8.82 -28.45
CA THR E 71 15.03 8.90 -27.13
C THR E 71 15.15 10.37 -26.69
N LYS E 72 15.33 10.56 -25.39
CA LYS E 72 15.52 11.88 -24.80
C LYS E 72 16.62 12.62 -25.54
N ALA E 73 17.65 11.88 -25.94
CA ALA E 73 18.80 12.45 -26.61
C ALA E 73 18.49 13.00 -28.00
N ASN E 74 17.31 12.67 -28.52
CA ASN E 74 16.92 13.17 -29.84
C ASN E 74 16.38 14.59 -29.85
N SER E 75 16.03 15.09 -28.67
CA SER E 75 15.52 16.44 -28.55
C SER E 75 16.46 17.40 -29.26
N GLY E 76 15.89 18.39 -29.92
CA GLY E 76 16.68 19.36 -30.67
C GLY E 76 15.84 20.13 -31.68
N ARG E 77 16.51 21.00 -32.43
CA ARG E 77 15.86 21.67 -33.53
C ARG E 77 16.11 20.89 -34.81
N TYR E 78 15.06 20.70 -35.60
CA TYR E 78 15.19 20.04 -36.88
C TYR E 78 14.93 21.00 -38.04
N SER E 79 15.84 21.01 -39.01
CA SER E 79 15.71 21.87 -40.17
C SER E 79 15.58 21.04 -41.43
N LEU E 80 14.72 21.49 -42.32
CA LEU E 80 14.60 20.91 -43.63
C LEU E 80 15.03 21.99 -44.62
N LYS E 81 16.11 21.73 -45.35
CA LYS E 81 16.65 22.71 -46.28
C LYS E 81 16.39 22.31 -47.73
N ALA E 82 15.82 23.24 -48.50
CA ALA E 82 15.50 22.98 -49.90
C ALA E 82 16.25 23.94 -50.82
N THR E 83 17.00 23.40 -51.77
CA THR E 83 17.80 24.22 -52.65
C THR E 83 17.47 23.99 -54.11
N ASN E 84 17.85 24.94 -54.95
CA ASN E 84 17.65 24.85 -56.39
C ASN E 84 18.27 26.07 -57.08
N GLY E 85 18.34 26.05 -58.40
CA GLY E 85 19.04 27.10 -59.15
C GLY E 85 18.58 28.53 -58.98
N SER E 86 17.34 28.74 -58.54
CA SER E 86 16.80 30.09 -58.41
C SER E 86 16.80 30.63 -56.99
N GLY E 87 17.14 29.77 -56.02
CA GLY E 87 17.19 30.20 -54.64
C GLY E 87 17.28 29.07 -53.63
N GLN E 88 16.76 29.33 -52.44
CA GLN E 88 16.89 28.40 -51.34
C GLN E 88 15.78 28.68 -50.31
N ALA E 89 15.49 27.70 -49.45
CA ALA E 89 14.45 27.85 -48.43
C ALA E 89 14.67 26.90 -47.26
N THR E 90 14.49 27.41 -46.05
CA THR E 90 14.73 26.61 -44.86
C THR E 90 13.54 26.67 -43.89
N SER E 91 13.33 25.60 -43.15
CA SER E 91 12.30 25.55 -42.12
C SER E 91 12.83 24.82 -40.91
N THR E 92 12.62 25.41 -39.73
CA THR E 92 13.13 24.84 -38.50
C THR E 92 12.01 24.67 -37.50
N ALA E 93 11.98 23.52 -36.83
CA ALA E 93 11.01 23.24 -35.79
C ALA E 93 11.71 22.43 -34.70
N GLU E 94 11.10 22.31 -33.53
CA GLU E 94 11.75 21.57 -32.45
C GLU E 94 11.06 20.25 -32.24
N LEU E 95 11.83 19.30 -31.73
CA LEU E 95 11.34 18.01 -31.26
C LEU E 95 11.55 18.02 -29.76
N LEU E 96 10.49 17.74 -29.01
CA LEU E 96 10.55 17.75 -27.56
C LEU E 96 10.14 16.39 -27.05
N VAL E 97 11.10 15.70 -26.44
CA VAL E 97 10.88 14.34 -25.97
C VAL E 97 10.65 14.30 -24.48
N LYS E 98 9.44 13.92 -24.07
CA LYS E 98 9.02 13.85 -22.67
C LYS E 98 9.01 12.42 -22.15
N ALA E 99 9.44 12.23 -20.91
CA ALA E 99 9.52 10.89 -20.32
C ALA E 99 8.23 10.52 -19.61
N GLU E 100 7.96 9.22 -19.49
CA GLU E 100 6.76 8.72 -18.80
C GLU E 100 6.75 9.20 -17.36
N THR E 101 5.69 9.92 -16.95
CA THR E 101 5.53 10.26 -15.56
C THR E 101 4.09 10.07 -15.07
N ALA E 102 3.94 9.57 -13.84
CA ALA E 102 2.61 9.48 -13.21
C ALA E 102 2.73 9.70 -11.72
N PRO E 103 1.86 10.55 -11.17
CA PRO E 103 1.80 10.82 -9.73
C PRO E 103 1.43 9.57 -8.93
N PRO E 104 1.87 9.55 -7.67
CA PRO E 104 1.56 8.44 -6.79
C PRO E 104 0.08 8.16 -6.76
N ASN E 105 -0.28 6.88 -6.84
CA ASN E 105 -1.67 6.51 -6.62
C ASN E 105 -1.72 5.35 -5.65
N PHE E 106 -2.80 5.29 -4.89
CA PHE E 106 -3.02 4.19 -3.98
C PHE E 106 -4.06 3.25 -4.59
N VAL E 107 -3.57 2.18 -5.20
CA VAL E 107 -4.45 1.24 -5.88
C VAL E 107 -5.19 0.43 -4.86
N GLN E 108 -4.65 0.44 -3.65
CA GLN E 108 -5.24 -0.30 -2.54
C GLN E 108 -4.86 0.51 -1.31
N ARG E 109 -5.86 0.86 -0.51
CA ARG E 109 -5.69 1.82 0.57
C ARG E 109 -5.49 1.15 1.90
N LEU E 110 -4.94 1.90 2.85
CA LEU E 110 -4.81 1.46 4.23
C LEU E 110 -6.21 1.19 4.73
N GLN E 111 -6.35 0.26 5.67
CA GLN E 111 -7.69 -0.06 6.18
C GLN E 111 -7.79 -0.19 7.68
N SER E 112 -8.67 0.62 8.27
CA SER E 112 -8.90 0.59 9.71
C SER E 112 -9.24 -0.84 10.11
N MET E 113 -8.65 -1.30 11.20
CA MET E 113 -8.99 -2.64 11.68
C MET E 113 -8.90 -2.80 13.21
N THR E 114 -9.83 -3.54 13.79
CA THR E 114 -9.82 -3.79 15.22
C THR E 114 -9.30 -5.18 15.52
N VAL E 115 -8.35 -5.28 16.46
CA VAL E 115 -7.77 -6.57 16.79
C VAL E 115 -7.58 -6.77 18.27
N ARG E 116 -7.24 -8.00 18.63
CA ARG E 116 -7.08 -8.39 20.03
C ARG E 116 -5.65 -8.31 20.52
N GLN E 117 -5.48 -7.93 21.79
CA GLN E 117 -4.16 -7.90 22.42
C GLN E 117 -3.35 -9.15 22.05
N GLY E 118 -2.17 -8.94 21.48
CA GLY E 118 -1.30 -10.05 21.13
C GLY E 118 -1.46 -10.62 19.74
N SER E 119 -2.23 -9.91 18.91
CA SER E 119 -2.40 -10.34 17.53
C SER E 119 -1.26 -9.81 16.69
N GLN E 120 -0.98 -10.50 15.60
CA GLN E 120 -0.02 -10.01 14.62
C GLN E 120 -0.87 -9.15 13.74
N VAL E 121 -0.35 -8.02 13.31
CA VAL E 121 -1.15 -7.07 12.54
C VAL E 121 -0.42 -6.61 11.30
N ARG E 122 -1.10 -6.64 10.16
N ARG E 122 -1.11 -6.62 10.17
CA ARG E 122 -0.50 -6.25 8.90
CA ARG E 122 -0.53 -6.25 8.90
C ARG E 122 -1.22 -5.08 8.26
C ARG E 122 -1.23 -5.07 8.30
N LEU E 123 -0.52 -3.96 8.15
CA LEU E 123 -1.07 -2.78 7.48
C LEU E 123 -0.44 -2.69 6.10
N GLN E 124 -1.20 -2.95 5.04
CA GLN E 124 -0.63 -2.88 3.69
C GLN E 124 -1.33 -1.98 2.66
N VAL E 125 -0.50 -1.40 1.79
CA VAL E 125 -0.94 -0.58 0.68
C VAL E 125 -0.34 -1.12 -0.63
N ARG E 126 -0.86 -0.59 -1.73
CA ARG E 126 -0.32 -0.85 -3.06
C ARG E 126 -0.25 0.49 -3.75
N VAL E 127 0.96 0.87 -4.14
CA VAL E 127 1.20 2.19 -4.65
C VAL E 127 1.83 2.15 -6.03
N THR E 128 1.39 3.05 -6.91
CA THR E 128 1.93 3.13 -8.26
C THR E 128 2.41 4.54 -8.52
N GLY E 129 3.42 4.65 -9.38
CA GLY E 129 3.98 5.93 -9.77
C GLY E 129 5.16 5.83 -10.73
N ILE E 130 5.40 6.90 -11.47
CA ILE E 130 6.56 6.99 -12.35
C ILE E 130 6.96 8.46 -12.33
N PRO E 131 8.12 8.76 -11.76
CA PRO E 131 9.02 7.70 -11.24
C PRO E 131 8.49 7.04 -9.95
N THR E 132 9.07 5.90 -9.59
CA THR E 132 8.70 5.17 -8.40
C THR E 132 8.71 6.10 -7.22
N PRO E 133 7.58 6.20 -6.51
CA PRO E 133 7.46 7.14 -5.39
C PRO E 133 8.17 6.64 -4.15
N VAL E 134 8.59 7.58 -3.32
CA VAL E 134 9.19 7.25 -2.04
C VAL E 134 8.00 7.07 -1.11
N VAL E 135 7.99 6.02 -0.30
CA VAL E 135 6.85 5.81 0.58
C VAL E 135 7.30 5.74 2.05
N LYS E 136 6.53 6.40 2.92
CA LYS E 136 6.85 6.36 4.36
C LYS E 136 5.64 6.01 5.24
N PHE E 137 5.92 5.44 6.41
CA PHE E 137 4.87 5.10 7.36
C PHE E 137 4.93 6.00 8.61
N TYR E 138 3.76 6.29 9.15
CA TYR E 138 3.63 7.21 10.26
C TYR E 138 2.64 6.67 11.27
N ARG E 139 2.83 7.04 12.53
CA ARG E 139 1.84 6.79 13.56
C ARG E 139 1.64 8.09 14.32
N ASP E 140 0.38 8.44 14.56
CA ASP E 140 0.04 9.71 15.21
C ASP E 140 0.99 10.81 14.78
N GLY E 141 1.18 10.95 13.48
CA GLY E 141 2.01 12.02 12.92
C GLY E 141 3.51 11.80 12.79
N ALA E 142 4.06 10.86 13.54
CA ALA E 142 5.51 10.65 13.52
C ALA E 142 5.89 9.52 12.56
N GLU E 143 6.98 9.71 11.82
CA GLU E 143 7.48 8.69 10.92
C GLU E 143 8.01 7.43 11.63
N ILE E 144 7.87 6.30 10.96
CA ILE E 144 8.34 5.03 11.52
C ILE E 144 9.56 4.46 10.80
N GLN E 145 10.64 4.24 11.56
CA GLN E 145 11.82 3.56 11.00
C GLN E 145 11.60 2.06 11.14
N SER E 146 11.68 1.33 10.03
CA SER E 146 11.58 -0.11 10.12
C SER E 146 12.50 -0.60 11.23
N SER E 147 11.99 -1.52 12.02
CA SER E 147 12.74 -2.14 13.09
C SER E 147 12.02 -3.43 13.46
N LEU E 148 12.77 -4.34 14.07
CA LEU E 148 12.27 -5.64 14.48
C LEU E 148 10.87 -5.58 15.02
N ASP E 149 10.50 -4.42 15.48
CA ASP E 149 9.23 -4.29 16.09
C ASP E 149 8.17 -3.95 15.07
N PHE E 150 8.48 -3.00 14.21
CA PHE E 150 7.53 -2.61 13.22
C PHE E 150 8.22 -2.82 11.87
N GLN E 151 8.21 -4.06 11.37
CA GLN E 151 8.89 -4.38 10.12
C GLN E 151 8.22 -3.77 8.90
N ILE E 152 8.93 -2.86 8.23
CA ILE E 152 8.45 -2.28 6.98
C ILE E 152 9.16 -2.96 5.86
N SER E 153 8.42 -3.43 4.88
CA SER E 153 8.98 -4.18 3.77
C SER E 153 8.23 -3.88 2.48
N GLN E 154 8.88 -4.11 1.36
CA GLN E 154 8.27 -3.86 0.07
C GLN E 154 8.33 -5.19 -0.69
N GLU E 155 7.27 -5.48 -1.43
CA GLU E 155 7.13 -6.67 -2.24
C GLU E 155 6.47 -6.27 -3.54
N GLY E 156 7.26 -5.90 -4.54
CA GLY E 156 6.65 -5.46 -5.79
C GLY E 156 6.18 -4.05 -5.50
N ASP E 157 4.94 -3.74 -5.82
CA ASP E 157 4.46 -2.39 -5.54
C ASP E 157 3.62 -2.45 -4.30
N LEU E 158 3.82 -3.51 -3.53
CA LEU E 158 3.04 -3.69 -2.30
C LEU E 158 3.86 -3.39 -1.05
N TYR E 159 3.41 -2.42 -0.24
CA TYR E 159 4.15 -1.99 0.94
C TYR E 159 3.38 -2.34 2.21
N SER E 160 4.07 -2.96 3.16
CA SER E 160 3.42 -3.43 4.38
C SER E 160 4.23 -3.12 5.63
N LEU E 161 3.52 -2.88 6.72
CA LEU E 161 4.14 -2.75 8.03
C LEU E 161 3.59 -3.84 8.94
N LEU E 162 4.43 -4.81 9.30
CA LEU E 162 3.95 -5.87 10.15
C LEU E 162 4.30 -5.68 11.62
N ILE E 163 3.27 -5.78 12.48
CA ILE E 163 3.43 -5.61 13.94
C ILE E 163 3.47 -6.98 14.58
N ALA E 164 4.66 -7.41 14.97
CA ALA E 164 4.88 -8.79 15.43
C ALA E 164 3.84 -9.19 16.43
N GLU E 165 3.55 -8.29 17.36
CA GLU E 165 2.58 -8.51 18.43
C GLU E 165 1.97 -7.18 18.87
N ALA E 166 0.68 -6.99 18.67
CA ALA E 166 0.06 -5.72 18.97
C ALA E 166 -0.42 -5.57 20.42
N TYR E 167 -0.28 -4.35 20.93
CA TYR E 167 -0.71 -3.99 22.28
C TYR E 167 -1.36 -2.60 22.27
N PRO E 168 -2.30 -2.38 23.18
CA PRO E 168 -2.97 -1.08 23.33
C PRO E 168 -2.12 0.14 23.00
N GLU E 169 -0.94 0.25 23.60
CA GLU E 169 -0.06 1.38 23.31
C GLU E 169 0.05 1.60 21.80
N ASP E 170 -0.27 0.58 21.03
CA ASP E 170 -0.08 0.70 19.61
C ASP E 170 -1.29 1.31 18.95
N SER E 171 -2.46 1.15 19.56
CA SER E 171 -3.65 1.79 19.03
C SER E 171 -3.26 3.20 18.62
N GLY E 172 -3.90 3.69 17.56
CA GLY E 172 -3.59 5.02 17.08
C GLY E 172 -3.96 5.20 15.62
N THR E 173 -3.45 6.28 15.04
CA THR E 173 -3.75 6.66 13.67
C THR E 173 -2.53 6.47 12.78
N TYR E 174 -2.62 5.55 11.83
CA TYR E 174 -1.51 5.27 10.93
C TYR E 174 -1.76 5.88 9.56
N SER E 175 -0.70 6.10 8.82
CA SER E 175 -0.86 6.68 7.50
C SER E 175 0.38 6.41 6.68
N VAL E 176 0.17 6.26 5.38
CA VAL E 176 1.25 6.13 4.44
C VAL E 176 1.27 7.33 3.50
N ASN E 177 2.46 7.86 3.27
CA ASN E 177 2.61 9.03 2.42
C ASN E 177 3.51 8.71 1.25
N ALA E 178 3.00 8.90 0.04
CA ALA E 178 3.81 8.61 -1.17
C ALA E 178 4.00 9.87 -2.00
N THR E 179 5.25 10.19 -2.29
CA THR E 179 5.52 11.35 -3.10
C THR E 179 6.54 11.04 -4.17
N ASN E 180 6.47 11.85 -5.23
CA ASN E 180 7.49 11.86 -6.27
C ASN E 180 7.42 13.22 -6.96
N SER E 181 8.18 13.34 -8.04
CA SER E 181 8.42 14.60 -8.68
C SER E 181 7.20 15.27 -9.29
N VAL E 182 6.13 14.50 -9.50
CA VAL E 182 4.89 15.08 -10.06
C VAL E 182 3.66 15.09 -9.14
N GLY E 183 3.73 14.40 -8.01
CA GLY E 183 2.59 14.41 -7.10
C GLY E 183 2.81 13.70 -5.78
N ARG E 184 1.82 13.82 -4.89
CA ARG E 184 1.84 13.11 -3.62
C ARG E 184 0.45 12.65 -3.24
N ALA E 185 0.40 11.67 -2.35
CA ALA E 185 -0.84 11.05 -1.94
C ALA E 185 -0.66 10.49 -0.53
N THR E 186 -1.77 10.37 0.19
CA THR E 186 -1.73 9.96 1.58
C THR E 186 -2.96 9.14 1.90
N SER E 187 -2.76 8.01 2.58
CA SER E 187 -3.86 7.13 2.97
C SER E 187 -3.76 6.92 4.47
N THR E 188 -4.80 7.28 5.20
CA THR E 188 -4.76 7.15 6.65
C THR E 188 -5.90 6.26 7.13
N ALA E 189 -5.60 5.39 8.10
CA ALA E 189 -6.61 4.53 8.70
C ALA E 189 -6.34 4.37 10.18
N GLU E 190 -7.23 3.68 10.88
CA GLU E 190 -7.09 3.56 12.32
C GLU E 190 -7.09 2.13 12.85
N LEU E 191 -6.20 1.90 13.80
CA LEU E 191 -6.01 0.58 14.41
C LEU E 191 -6.43 0.62 15.86
N LEU E 192 -7.37 -0.24 16.22
CA LEU E 192 -7.78 -0.40 17.61
C LEU E 192 -7.41 -1.78 18.13
N VAL E 193 -6.58 -1.79 19.17
CA VAL E 193 -6.16 -3.01 19.84
C VAL E 193 -6.96 -3.19 21.11
N GLN E 194 -7.89 -4.13 21.12
CA GLN E 194 -8.76 -4.36 22.26
C GLN E 194 -7.99 -4.70 23.52
N MET F 1 6.77 31.94 -23.10
CA MET F 1 7.09 33.00 -22.10
C MET F 1 7.00 32.46 -20.67
N ALA F 2 5.77 32.27 -20.18
CA ALA F 2 5.59 31.78 -18.82
C ALA F 2 4.86 30.45 -18.79
N THR F 3 5.58 29.40 -18.43
CA THR F 3 5.00 28.08 -18.32
C THR F 3 3.86 28.09 -17.30
N SER F 4 2.74 27.47 -17.64
CA SER F 4 1.61 27.38 -16.72
C SER F 4 1.64 26.01 -16.07
N GLU F 5 1.29 25.94 -14.79
CA GLU F 5 1.28 24.68 -14.06
C GLU F 5 -0.07 24.47 -13.37
N LEU F 6 -0.84 23.52 -13.88
CA LEU F 6 -2.17 23.27 -13.37
C LEU F 6 -2.23 22.02 -12.49
N SER F 7 -2.76 22.17 -11.28
CA SER F 7 -2.78 21.07 -10.34
C SER F 7 -4.20 20.57 -10.06
N SER F 8 -4.31 19.26 -9.85
CA SER F 8 -5.58 18.66 -9.48
C SER F 8 -5.49 18.09 -8.09
N GLU F 9 -6.60 18.17 -7.36
CA GLU F 9 -6.66 17.68 -5.99
C GLU F 9 -7.87 16.76 -5.78
N VAL F 10 -7.65 15.68 -5.03
CA VAL F 10 -8.75 14.82 -4.60
C VAL F 10 -8.67 14.65 -3.10
N SER F 11 -9.82 14.71 -2.43
CA SER F 11 -9.88 14.51 -1.00
C SER F 11 -11.12 13.69 -0.66
N GLU F 12 -10.92 12.50 -0.11
CA GLU F 12 -12.03 11.61 0.22
C GLU F 12 -11.98 11.19 1.68
N GLU F 13 -13.14 11.08 2.31
CA GLU F 13 -13.22 10.57 3.68
C GLU F 13 -14.38 9.60 3.87
N ASN F 14 -14.17 8.59 4.72
CA ASN F 14 -15.20 7.61 5.07
C ASN F 14 -15.33 7.52 6.58
N SER F 15 -16.45 8.00 7.12
CA SER F 15 -16.65 7.98 8.56
C SER F 15 -17.24 6.67 9.10
N GLU F 16 -17.72 5.82 8.20
CA GLU F 16 -18.24 4.53 8.62
C GLU F 16 -17.09 3.60 8.99
N ARG F 17 -15.96 3.78 8.29
CA ARG F 17 -14.78 2.96 8.52
C ARG F 17 -13.63 3.78 9.07
N ARG F 18 -13.81 5.09 9.17
CA ARG F 18 -12.75 5.98 9.64
C ARG F 18 -11.53 5.83 8.73
N GLU F 19 -11.75 6.09 7.44
CA GLU F 19 -10.69 5.99 6.45
C GLU F 19 -10.66 7.26 5.62
N ALA F 20 -9.48 7.69 5.22
CA ALA F 20 -9.36 8.89 4.41
C ALA F 20 -8.35 8.67 3.29
N PHE F 21 -8.33 9.59 2.34
CA PHE F 21 -7.42 9.54 1.19
C PHE F 21 -7.34 10.91 0.55
N TRP F 22 -6.15 11.23 0.10
CA TRP F 22 -5.87 12.49 -0.56
C TRP F 22 -5.13 12.18 -1.81
N ALA F 23 -5.03 13.18 -2.67
CA ALA F 23 -4.14 13.11 -3.80
C ALA F 23 -4.05 14.52 -4.33
N GLU F 24 -2.86 14.87 -4.80
CA GLU F 24 -2.62 16.13 -5.49
C GLU F 24 -1.45 15.89 -6.42
N TRP F 25 -1.55 16.38 -7.64
CA TRP F 25 -0.51 16.13 -8.61
C TRP F 25 -0.42 17.20 -9.69
N LYS F 26 0.73 17.25 -10.34
CA LYS F 26 0.94 18.14 -11.46
C LYS F 26 0.17 17.58 -12.64
N ASP F 27 -1.05 18.08 -12.82
CA ASP F 27 -1.94 17.53 -13.83
C ASP F 27 -1.52 17.95 -15.22
N LEU F 28 -1.60 19.25 -15.47
CA LEU F 28 -1.34 19.76 -16.80
C LEU F 28 -0.31 20.87 -16.76
N THR F 29 0.68 20.76 -17.63
CA THR F 29 1.69 21.79 -17.79
C THR F 29 1.65 22.32 -19.21
N LEU F 30 1.53 23.64 -19.34
CA LEU F 30 1.45 24.29 -20.65
C LEU F 30 2.64 25.19 -20.89
N SER F 31 3.43 24.87 -21.91
CA SER F 31 4.67 25.58 -22.19
C SER F 31 4.62 26.39 -23.48
N THR F 32 5.46 27.43 -23.52
CA THR F 32 5.56 28.33 -24.66
C THR F 32 6.99 28.36 -25.21
N ARG F 33 7.22 27.66 -26.30
CA ARG F 33 8.53 27.66 -26.96
C ARG F 33 8.82 29.02 -27.59
N PRO F 34 10.11 29.36 -27.69
CA PRO F 34 10.52 30.60 -28.34
C PRO F 34 10.32 30.53 -29.84
N GLU F 35 9.84 31.63 -30.43
CA GLU F 35 9.51 31.68 -31.86
C GLU F 35 10.64 31.16 -32.75
N GLU F 36 11.87 31.36 -32.29
CA GLU F 36 13.04 30.81 -32.99
C GLU F 36 12.84 29.30 -33.12
N GLY F 37 11.98 28.76 -32.27
CA GLY F 37 11.69 27.33 -32.24
C GLY F 37 11.14 26.81 -33.56
N SER F 38 10.22 27.56 -34.15
CA SER F 38 9.69 27.16 -35.44
C SER F 38 9.69 28.34 -36.39
N SER F 39 10.62 28.31 -37.33
CA SER F 39 10.77 29.40 -38.27
C SER F 39 10.81 28.90 -39.70
N LEU F 40 10.62 29.84 -40.61
CA LEU F 40 10.58 29.56 -42.03
C LEU F 40 11.35 30.69 -42.68
N HIS F 41 12.01 30.40 -43.78
CA HIS F 41 12.79 31.45 -44.42
C HIS F 41 13.24 31.09 -45.84
N GLU F 42 12.93 31.99 -46.78
CA GLU F 42 13.06 31.70 -48.19
C GLU F 42 13.80 32.80 -48.94
N GLU F 43 14.58 32.40 -49.93
CA GLU F 43 15.36 33.35 -50.73
C GLU F 43 15.21 33.08 -52.22
N ASP F 44 14.75 34.10 -52.95
CA ASP F 44 14.60 34.00 -54.39
C ASP F 44 15.66 34.88 -55.06
N THR F 45 16.76 34.25 -55.46
CA THR F 45 17.88 35.00 -56.04
C THR F 45 17.59 35.47 -57.47
N GLN F 46 16.56 34.90 -58.08
CA GLN F 46 16.18 35.28 -59.42
C GLN F 46 15.44 36.60 -59.40
N ARG F 47 14.58 36.76 -58.41
CA ARG F 47 13.72 37.94 -58.33
C ARG F 47 14.13 38.90 -57.21
N HIS F 48 15.22 38.57 -56.52
CA HIS F 48 15.73 39.38 -55.43
C HIS F 48 14.70 39.67 -54.34
N GLU F 49 14.00 38.61 -53.92
CA GLU F 49 13.02 38.72 -52.85
C GLU F 49 13.36 37.69 -51.77
N THR F 50 13.10 38.05 -50.53
CA THR F 50 13.30 37.12 -49.42
C THR F 50 12.09 37.22 -48.49
N TYR F 51 11.79 36.11 -47.84
CA TYR F 51 10.70 36.07 -46.87
C TYR F 51 11.18 35.39 -45.61
N HIS F 52 10.71 35.90 -44.47
CA HIS F 52 11.08 35.30 -43.20
C HIS F 52 9.94 35.41 -42.20
N GLN F 53 9.73 34.34 -41.43
CA GLN F 53 8.72 34.35 -40.37
C GLN F 53 9.10 33.38 -39.27
N GLN F 54 8.69 33.70 -38.05
CA GLN F 54 8.89 32.83 -36.89
C GLN F 54 7.71 33.00 -35.94
N GLY F 55 7.05 31.90 -35.56
CA GLY F 55 5.91 31.97 -34.67
C GLY F 55 6.04 31.09 -33.44
N GLN F 56 5.45 31.53 -32.33
CA GLN F 56 5.43 30.74 -31.10
C GLN F 56 4.47 29.57 -31.19
N SER F 57 4.83 28.47 -30.55
CA SER F 57 3.92 27.35 -30.40
C SER F 57 3.87 26.93 -28.92
N GLN F 58 2.66 26.69 -28.42
CA GLN F 58 2.45 26.32 -27.01
C GLN F 58 2.25 24.83 -26.88
N VAL F 59 3.11 24.16 -26.12
CA VAL F 59 2.95 22.73 -25.94
C VAL F 59 2.17 22.40 -24.67
N LEU F 60 1.38 21.34 -24.74
CA LEU F 60 0.55 20.94 -23.63
C LEU F 60 0.77 19.47 -23.27
N VAL F 61 1.25 19.20 -22.05
CA VAL F 61 1.47 17.83 -21.58
C VAL F 61 0.64 17.58 -20.35
N GLN F 62 -0.20 16.55 -20.41
CA GLN F 62 -1.05 16.19 -19.28
C GLN F 62 -0.72 14.80 -18.76
N ARG F 63 -0.98 14.58 -17.48
CA ARG F 63 -0.72 13.28 -16.83
C ARG F 63 -1.72 12.99 -15.72
N SER F 64 -1.75 11.74 -15.24
CA SER F 64 -2.71 11.34 -14.21
C SER F 64 -2.24 10.12 -13.43
N PRO F 65 -2.74 10.00 -12.20
CA PRO F 65 -2.42 8.86 -11.33
C PRO F 65 -2.79 7.54 -11.98
N TRP F 66 -3.82 7.57 -12.84
CA TRP F 66 -4.31 6.36 -13.48
C TRP F 66 -3.49 5.91 -14.69
N LEU F 67 -2.20 6.25 -14.69
CA LEU F 67 -1.26 5.77 -15.70
C LEU F 67 -1.68 6.06 -17.14
N MET F 68 -1.77 7.33 -17.48
CA MET F 68 -2.25 7.73 -18.79
C MET F 68 -1.80 9.16 -19.08
N MET F 69 -0.97 9.34 -20.10
CA MET F 69 -0.49 10.67 -20.47
C MET F 69 -1.22 11.22 -21.69
N ARG F 70 -1.07 12.53 -21.89
CA ARG F 70 -1.68 13.23 -23.00
C ARG F 70 -0.73 14.37 -23.38
N MET F 71 -0.46 14.55 -24.67
CA MET F 71 0.42 15.63 -25.09
C MET F 71 0.17 16.13 -26.52
N GLY F 72 0.56 17.38 -26.77
CA GLY F 72 0.47 17.98 -28.09
C GLY F 72 0.72 19.48 -28.12
N ILE F 73 0.44 20.08 -29.27
CA ILE F 73 0.55 21.52 -29.48
C ILE F 73 -0.87 22.05 -29.61
N LEU F 74 -1.34 22.77 -28.60
CA LEU F 74 -2.76 23.11 -28.50
C LEU F 74 -3.40 23.90 -29.62
N GLY F 75 -3.42 23.34 -30.81
CA GLY F 75 -4.13 23.95 -31.92
C GLY F 75 -4.23 22.77 -32.84
N ARG F 76 -3.23 21.91 -32.68
CA ARG F 76 -3.21 20.61 -33.34
C ARG F 76 -3.84 19.66 -32.32
N GLY F 77 -4.08 18.42 -32.74
CA GLY F 77 -4.72 17.45 -31.87
C GLY F 77 -3.84 16.98 -30.74
N LEU F 78 -4.45 16.38 -29.73
CA LEU F 78 -3.71 15.76 -28.63
C LEU F 78 -3.47 14.29 -28.95
N GLN F 79 -2.46 13.71 -28.30
CA GLN F 79 -2.18 12.29 -28.44
C GLN F 79 -2.30 11.64 -27.06
N GLU F 80 -2.93 10.47 -27.01
CA GLU F 80 -3.09 9.78 -25.74
C GLU F 80 -2.25 8.51 -25.65
N TYR F 81 -1.38 8.47 -24.65
CA TYR F 81 -0.55 7.29 -24.44
C TYR F 81 -1.03 6.51 -23.22
N GLN F 82 -0.76 5.21 -23.23
CA GLN F 82 -1.07 4.35 -22.09
C GLN F 82 0.24 4.00 -21.43
N LEU F 83 0.44 4.41 -20.17
CA LEU F 83 1.73 4.15 -19.52
C LEU F 83 2.02 2.63 -19.51
N PRO F 84 3.03 2.10 -18.80
CA PRO F 84 3.81 0.92 -19.18
C PRO F 84 3.73 0.71 -20.66
N TYR F 85 4.39 1.62 -21.34
CA TYR F 85 4.18 1.79 -22.75
C TYR F 85 4.58 0.58 -23.57
N GLN F 86 4.24 0.64 -24.85
CA GLN F 86 4.40 -0.49 -25.74
C GLN F 86 4.62 -0.03 -27.17
N ARG F 87 5.40 -0.81 -27.91
CA ARG F 87 5.62 -0.61 -29.34
C ARG F 87 6.11 -1.93 -29.92
N VAL F 88 6.07 -2.04 -31.25
CA VAL F 88 6.47 -3.26 -31.96
C VAL F 88 5.50 -4.42 -31.67
S SO4 G . 12.07 -21.39 17.43
O1 SO4 G . 12.09 -22.28 18.58
O2 SO4 G . 11.43 -20.13 17.81
O3 SO4 G . 13.42 -21.13 16.97
O4 SO4 G . 11.29 -22.00 16.35
S SO4 H . -7.45 -30.85 27.71
O1 SO4 H . -8.75 -31.10 27.11
O2 SO4 H . -7.64 -29.68 28.56
O3 SO4 H . -7.06 -31.99 28.53
O4 SO4 H . -6.44 -30.61 26.70
S SO4 I . -1.31 -15.60 69.53
O1 SO4 I . -0.79 -16.93 69.23
O2 SO4 I . -2.77 -15.64 69.61
O3 SO4 I . -0.80 -15.12 70.81
O4 SO4 I . -0.88 -14.68 68.47
S SO4 J . -3.90 34.00 -23.71
O1 SO4 J . -3.47 32.98 -22.76
O2 SO4 J . -4.90 33.45 -24.63
O3 SO4 J . -4.48 35.09 -22.92
O4 SO4 J . -2.78 34.50 -24.50
S SO4 K . 11.38 15.61 -18.76
O1 SO4 K . 12.83 15.56 -18.57
O2 SO4 K . 10.93 14.45 -19.54
O3 SO4 K . 10.72 15.55 -17.45
O4 SO4 K . 11.01 16.86 -19.44
#